data_2Y7D
#
_entry.id   2Y7D
#
_cell.length_a   74.870
_cell.length_b   100.820
_cell.length_c   147.430
_cell.angle_alpha   90.00
_cell.angle_beta   90.00
_cell.angle_gamma   90.00
#
_symmetry.space_group_name_H-M   'P 21 21 21'
#
loop_
_entity.id
_entity.type
_entity.pdbx_description
1 polymer '3-KETO-5-AMINOHEXANOATE CLEAVAGE ENZYME'
2 non-polymer 'ZINC ION'
3 non-polymer GLYCEROL
4 water water
#
_entity_poly.entity_id   1
_entity_poly.type   'polypeptide(L)'
_entity_poly.pdbx_seq_one_letter_code
;MHHHHHHEPLILTAAITGAETTRADQPNLPITPEEQAKEAKACFEAGARVIHLHIREDDGRPSQRLDRFQEAISAIREVV
PEIIIQISTGGAVGESFDKRLAPLALKPEMATLNAGTLNFGDDIFINHPADIIRLAEAFKQYNVVPEVEVYESGMVDAVA
RLIKKGIITQNPLHIQFVLGVPGGMSGKPKNLMYMMEHLKEEIPTATWAVAGIGRWHIPTSLIAMVTGGHIRCGFEDNIF
YHKGVIAESNAQLVARLARIAKEIGRPLATPEQAREILALNK
;
_entity_poly.pdbx_strand_id   A,B,C,D
#
loop_
_chem_comp.id
_chem_comp.type
_chem_comp.name
_chem_comp.formula
GOL non-polymer GLYCEROL 'C3 H8 O3'
ZN non-polymer 'ZINC ION' 'Zn 2'
#
# COMPACT_ATOMS: atom_id res chain seq x y z
N HIS A 5 -13.54 -10.81 -4.04
CA HIS A 5 -13.85 -12.05 -3.34
C HIS A 5 -13.69 -13.27 -4.25
N HIS A 6 -13.38 -14.43 -3.62
CA HIS A 6 -13.11 -15.71 -4.29
C HIS A 6 -14.39 -16.55 -4.54
N HIS A 7 -15.58 -15.92 -4.61
CA HIS A 7 -16.81 -16.64 -4.93
C HIS A 7 -17.39 -16.16 -6.26
N GLU A 8 -16.90 -15.01 -6.78
CA GLU A 8 -17.31 -14.40 -8.06
C GLU A 8 -16.77 -15.30 -9.20
N PRO A 9 -17.48 -15.46 -10.36
CA PRO A 9 -16.96 -16.38 -11.40
C PRO A 9 -15.59 -15.97 -11.92
N LEU A 10 -14.77 -16.95 -12.25
CA LEU A 10 -13.43 -16.72 -12.76
C LEU A 10 -13.35 -16.98 -14.26
N ILE A 11 -12.86 -15.98 -15.00
CA ILE A 11 -12.62 -16.09 -16.44
C ILE A 11 -11.15 -16.41 -16.65
N LEU A 12 -10.89 -17.56 -17.30
CA LEU A 12 -9.54 -17.94 -17.65
C LEU A 12 -9.34 -17.69 -19.15
N THR A 13 -8.27 -16.95 -19.49
CA THR A 13 -7.90 -16.67 -20.88
C THR A 13 -6.66 -17.49 -21.20
N ALA A 14 -6.63 -18.13 -22.38
CA ALA A 14 -5.43 -18.85 -22.81
C ALA A 14 -4.79 -18.07 -23.97
N ALA A 15 -3.58 -17.54 -23.75
CA ALA A 15 -2.81 -16.79 -24.76
C ALA A 15 -1.85 -17.83 -25.34
N ILE A 16 -2.35 -18.58 -26.33
CA ILE A 16 -1.75 -19.83 -26.75
C ILE A 16 -0.50 -19.76 -27.61
N THR A 17 -0.25 -18.65 -28.33
CA THR A 17 0.84 -18.63 -29.32
C THR A 17 1.74 -17.41 -29.15
N GLY A 18 1.17 -16.21 -29.20
CA GLY A 18 1.96 -14.99 -29.06
C GLY A 18 2.77 -14.68 -30.30
N ALA A 19 3.53 -13.60 -30.24
CA ALA A 19 4.32 -13.15 -31.39
C ALA A 19 5.81 -13.51 -31.26
N GLU A 20 6.27 -13.91 -30.08
CA GLU A 20 7.71 -14.11 -29.83
C GLU A 20 8.13 -15.54 -29.52
N THR A 21 7.29 -16.30 -28.81
CA THR A 21 7.64 -17.66 -28.38
C THR A 21 8.06 -18.53 -29.57
N THR A 22 9.13 -19.31 -29.40
CA THR A 22 9.63 -20.16 -30.47
C THR A 22 9.43 -21.63 -30.18
N ARG A 23 9.35 -22.42 -31.24
CA ARG A 23 9.26 -23.88 -31.17
C ARG A 23 10.54 -24.48 -30.61
N ALA A 24 11.70 -23.80 -30.78
CA ALA A 24 12.98 -24.28 -30.24
C ALA A 24 12.92 -24.33 -28.71
N ASP A 25 12.27 -23.32 -28.10
CA ASP A 25 12.12 -23.27 -26.65
C ASP A 25 10.93 -24.07 -26.18
N GLN A 26 9.84 -24.06 -26.95
CA GLN A 26 8.59 -24.71 -26.56
C GLN A 26 8.06 -25.54 -27.75
N PRO A 27 8.49 -26.82 -27.85
CA PRO A 27 8.08 -27.65 -29.01
C PRO A 27 6.59 -27.89 -29.15
N ASN A 28 5.81 -27.63 -28.08
CA ASN A 28 4.36 -27.85 -28.09
C ASN A 28 3.61 -26.61 -28.52
N LEU A 29 4.33 -25.56 -28.96
CA LEU A 29 3.71 -24.32 -29.38
C LEU A 29 2.76 -24.53 -30.59
N PRO A 30 1.46 -24.19 -30.47
CA PRO A 30 0.57 -24.29 -31.66
C PRO A 30 0.86 -23.15 -32.63
N ILE A 31 1.11 -23.48 -33.91
CA ILE A 31 1.48 -22.48 -34.93
C ILE A 31 0.46 -22.43 -36.05
N THR A 32 -0.09 -23.59 -36.45
CA THR A 32 -1.02 -23.62 -37.57
C THR A 32 -2.45 -23.45 -37.09
N PRO A 33 -3.39 -22.99 -37.96
CA PRO A 33 -4.80 -22.91 -37.57
C PRO A 33 -5.35 -24.23 -36.99
N GLU A 34 -5.02 -25.39 -37.61
CA GLU A 34 -5.44 -26.71 -37.10
C GLU A 34 -4.90 -26.96 -35.67
N GLU A 35 -3.61 -26.65 -35.41
CA GLU A 35 -3.03 -26.81 -34.08
C GLU A 35 -3.68 -25.85 -33.08
N GLN A 36 -3.94 -24.61 -33.52
CA GLN A 36 -4.54 -23.59 -32.64
C GLN A 36 -5.96 -23.97 -32.29
N ALA A 37 -6.72 -24.55 -33.27
CA ALA A 37 -8.10 -25.01 -32.98
C ALA A 37 -8.11 -26.18 -31.96
N LYS A 38 -7.17 -27.15 -32.12
CA LYS A 38 -7.07 -28.28 -31.18
C LYS A 38 -6.71 -27.80 -29.80
N GLU A 39 -5.74 -26.84 -29.70
CA GLU A 39 -5.37 -26.28 -28.41
C GLU A 39 -6.54 -25.49 -27.79
N ALA A 40 -7.26 -24.69 -28.59
CA ALA A 40 -8.40 -23.91 -28.11
C ALA A 40 -9.47 -24.83 -27.49
N LYS A 41 -9.78 -25.97 -28.17
CA LYS A 41 -10.77 -26.90 -27.64
CA LYS A 41 -10.78 -26.89 -27.63
C LYS A 41 -10.27 -27.53 -26.33
N ALA A 42 -8.99 -27.96 -26.29
CA ALA A 42 -8.43 -28.54 -25.04
C ALA A 42 -8.45 -27.51 -23.90
N CYS A 43 -8.15 -26.23 -24.21
CA CYS A 43 -8.16 -25.18 -23.20
C CYS A 43 -9.56 -24.93 -22.70
N PHE A 44 -10.55 -24.89 -23.62
CA PHE A 44 -11.94 -24.69 -23.24
C PHE A 44 -12.40 -25.81 -22.30
N GLU A 45 -12.08 -27.07 -22.64
CA GLU A 45 -12.44 -28.20 -21.79
C GLU A 45 -11.76 -28.14 -20.43
N ALA A 46 -10.56 -27.55 -20.35
CA ALA A 46 -9.82 -27.39 -19.10
C ALA A 46 -10.32 -26.20 -18.26
N GLY A 47 -11.16 -25.34 -18.83
CA GLY A 47 -11.73 -24.20 -18.09
C GLY A 47 -11.60 -22.82 -18.72
N ALA A 48 -10.88 -22.70 -19.83
CA ALA A 48 -10.70 -21.38 -20.46
C ALA A 48 -11.99 -20.92 -21.15
N ARG A 49 -12.28 -19.62 -21.10
CA ARG A 49 -13.49 -19.10 -21.76
C ARG A 49 -13.11 -18.11 -22.86
N VAL A 50 -11.82 -17.68 -22.88
CA VAL A 50 -11.32 -16.77 -23.91
C VAL A 50 -10.03 -17.30 -24.47
N ILE A 51 -9.82 -17.10 -25.78
CA ILE A 51 -8.54 -17.39 -26.45
CA ILE A 51 -8.54 -17.41 -26.41
C ILE A 51 -7.96 -16.06 -26.89
N HIS A 52 -6.73 -15.73 -26.43
CA HIS A 52 -6.04 -14.52 -26.86
C HIS A 52 -5.17 -15.01 -28.01
N LEU A 53 -5.51 -14.57 -29.24
CA LEU A 53 -4.97 -15.16 -30.45
C LEU A 53 -4.03 -14.26 -31.27
N HIS A 54 -2.82 -14.80 -31.51
CA HIS A 54 -1.84 -14.33 -32.49
C HIS A 54 -1.73 -15.43 -33.53
N ILE A 55 -1.47 -15.06 -34.78
CA ILE A 55 -1.30 -16.06 -35.84
C ILE A 55 0.16 -16.15 -36.31
N ARG A 56 0.50 -17.30 -36.90
CA ARG A 56 1.84 -17.56 -37.42
C ARG A 56 1.75 -18.18 -38.78
N GLU A 57 2.84 -18.05 -39.57
CA GLU A 57 2.97 -18.80 -40.83
C GLU A 57 3.38 -20.22 -40.48
N ASP A 58 3.32 -21.16 -41.43
CA ASP A 58 3.69 -22.56 -41.13
C ASP A 58 5.14 -22.71 -40.63
N ASP A 59 6.04 -21.80 -41.01
CA ASP A 59 7.44 -21.86 -40.56
C ASP A 59 7.62 -21.23 -39.17
N GLY A 60 6.51 -20.75 -38.59
CA GLY A 60 6.52 -20.18 -37.25
C GLY A 60 6.74 -18.67 -37.16
N ARG A 61 6.98 -17.98 -38.29
CA ARG A 61 7.16 -16.54 -38.20
C ARG A 61 5.81 -15.83 -37.95
N PRO A 62 5.79 -14.67 -37.26
CA PRO A 62 4.52 -13.98 -37.05
C PRO A 62 3.84 -13.61 -38.35
N SER A 63 2.51 -13.63 -38.32
CA SER A 63 1.72 -13.30 -39.49
C SER A 63 0.69 -12.23 -39.16
N GLN A 64 0.33 -11.46 -40.18
CA GLN A 64 -0.74 -10.46 -40.13
C GLN A 64 -1.68 -10.67 -41.32
N ARG A 65 -1.49 -11.77 -42.09
CA ARG A 65 -2.29 -12.05 -43.28
C ARG A 65 -3.76 -12.24 -42.91
N LEU A 66 -4.65 -11.46 -43.56
CA LEU A 66 -6.09 -11.56 -43.34
C LEU A 66 -6.60 -13.00 -43.53
N ASP A 67 -6.18 -13.69 -44.61
CA ASP A 67 -6.58 -15.07 -44.91
C ASP A 67 -6.14 -16.01 -43.80
N ARG A 68 -4.98 -15.75 -43.17
CA ARG A 68 -4.48 -16.60 -42.08
C ARG A 68 -5.32 -16.38 -40.82
N PHE A 69 -5.71 -15.13 -40.53
CA PHE A 69 -6.60 -14.85 -39.41
C PHE A 69 -7.96 -15.53 -39.64
N GLN A 70 -8.48 -15.49 -40.89
CA GLN A 70 -9.75 -16.12 -41.23
C GLN A 70 -9.65 -17.64 -41.02
N GLU A 71 -8.53 -18.25 -41.45
CA GLU A 71 -8.32 -19.70 -41.30
C GLU A 71 -8.29 -20.08 -39.82
N ALA A 72 -7.57 -19.31 -38.98
CA ALA A 72 -7.47 -19.61 -37.55
C ALA A 72 -8.79 -19.39 -36.84
N ILE A 73 -9.45 -18.24 -37.07
CA ILE A 73 -10.72 -17.95 -36.40
C ILE A 73 -11.78 -18.98 -36.79
N SER A 74 -11.91 -19.29 -38.11
CA SER A 74 -12.89 -20.28 -38.58
CA SER A 74 -12.89 -20.28 -38.58
C SER A 74 -12.60 -21.67 -37.99
N ALA A 75 -11.30 -22.07 -37.92
CA ALA A 75 -10.94 -23.39 -37.39
C ALA A 75 -11.30 -23.50 -35.92
N ILE A 76 -11.04 -22.43 -35.15
CA ILE A 76 -11.37 -22.45 -33.71
C ILE A 76 -12.89 -22.47 -33.53
N ARG A 77 -13.63 -21.61 -34.25
CA ARG A 77 -15.09 -21.54 -34.11
C ARG A 77 -15.78 -22.84 -34.53
N GLU A 78 -15.20 -23.56 -35.50
CA GLU A 78 -15.76 -24.84 -35.94
C GLU A 78 -15.76 -25.87 -34.79
N VAL A 79 -14.67 -25.93 -33.98
CA VAL A 79 -14.52 -26.95 -32.95
C VAL A 79 -14.99 -26.48 -31.58
N VAL A 80 -14.94 -25.16 -31.31
CA VAL A 80 -15.36 -24.68 -30.01
C VAL A 80 -16.09 -23.32 -30.22
N PRO A 81 -17.34 -23.37 -30.74
CA PRO A 81 -18.07 -22.13 -31.02
C PRO A 81 -18.39 -21.29 -29.78
N GLU A 82 -18.38 -21.89 -28.58
CA GLU A 82 -18.70 -21.16 -27.34
C GLU A 82 -17.55 -20.27 -26.87
N ILE A 83 -16.30 -20.50 -27.35
CA ILE A 83 -15.17 -19.71 -26.83
C ILE A 83 -15.22 -18.26 -27.38
N ILE A 84 -14.68 -17.33 -26.58
CA ILE A 84 -14.56 -15.92 -26.94
C ILE A 84 -13.22 -15.74 -27.63
N ILE A 85 -13.22 -15.19 -28.86
CA ILE A 85 -11.96 -14.99 -29.57
C ILE A 85 -11.53 -13.54 -29.39
N GLN A 86 -10.31 -13.37 -28.91
CA GLN A 86 -9.72 -12.06 -28.69
C GLN A 86 -8.47 -11.97 -29.55
N ILE A 87 -8.49 -11.16 -30.64
CA ILE A 87 -7.34 -11.15 -31.55
C ILE A 87 -6.41 -9.97 -31.29
N SER A 88 -5.15 -10.20 -31.58
CA SER A 88 -4.11 -9.17 -31.53
C SER A 88 -3.78 -8.82 -32.99
N THR A 89 -4.11 -7.59 -33.43
CA THR A 89 -3.94 -7.18 -34.84
C THR A 89 -2.54 -6.64 -35.17
N GLY A 90 -1.75 -6.33 -34.14
CA GLY A 90 -0.39 -5.81 -34.30
C GLY A 90 -0.35 -4.37 -34.76
N ASP A 98 -1.85 1.34 -42.01
CA ASP A 98 -2.92 1.20 -41.02
C ASP A 98 -3.87 0.04 -41.35
N LYS A 99 -3.62 -0.69 -42.46
CA LYS A 99 -4.42 -1.83 -42.91
C LYS A 99 -4.23 -3.08 -42.00
N ARG A 100 -4.20 -2.84 -40.66
CA ARG A 100 -4.15 -3.85 -39.59
C ARG A 100 -5.58 -4.08 -39.06
N LEU A 101 -6.53 -3.31 -39.61
CA LEU A 101 -7.96 -3.31 -39.27
C LEU A 101 -8.72 -4.40 -40.01
N ALA A 102 -8.19 -4.87 -41.15
CA ALA A 102 -8.83 -5.89 -41.98
C ALA A 102 -9.37 -7.09 -41.18
N PRO A 103 -8.62 -7.69 -40.20
CA PRO A 103 -9.17 -8.86 -39.47
C PRO A 103 -10.39 -8.56 -38.58
N LEU A 104 -10.66 -7.29 -38.24
CA LEU A 104 -11.84 -6.92 -37.43
C LEU A 104 -13.15 -7.24 -38.16
N ALA A 105 -13.08 -7.36 -39.50
CA ALA A 105 -14.24 -7.71 -40.32
C ALA A 105 -14.61 -9.19 -40.14
N LEU A 106 -13.72 -9.99 -39.48
CA LEU A 106 -13.96 -11.41 -39.20
C LEU A 106 -14.78 -11.56 -37.92
N LYS A 107 -15.26 -10.43 -37.38
CA LYS A 107 -16.11 -10.33 -36.19
C LYS A 107 -15.52 -11.03 -34.96
N PRO A 108 -14.24 -10.75 -34.55
CA PRO A 108 -13.79 -11.27 -33.26
C PRO A 108 -14.65 -10.59 -32.18
N GLU A 109 -14.86 -11.22 -31.03
CA GLU A 109 -15.65 -10.53 -30.00
C GLU A 109 -14.85 -9.40 -29.39
N MET A 110 -13.53 -9.61 -29.28
CA MET A 110 -12.60 -8.65 -28.67
C MET A 110 -11.33 -8.50 -29.47
N ALA A 111 -10.61 -7.40 -29.27
CA ALA A 111 -9.30 -7.19 -29.86
C ALA A 111 -8.42 -6.38 -28.94
N THR A 112 -7.11 -6.66 -29.00
CA THR A 112 -6.18 -5.98 -28.13
C THR A 112 -6.04 -4.49 -28.44
N LEU A 113 -6.07 -3.69 -27.38
CA LEU A 113 -5.77 -2.26 -27.45
C LEU A 113 -4.61 -2.00 -26.48
N ASN A 114 -3.40 -1.75 -27.00
CA ASN A 114 -2.25 -1.46 -26.12
C ASN A 114 -2.37 -0.03 -25.63
N ALA A 115 -2.25 0.19 -24.31
CA ALA A 115 -2.50 1.50 -23.68
C ALA A 115 -1.31 2.43 -23.60
N GLY A 116 -0.14 2.01 -24.06
CA GLY A 116 1.02 2.87 -24.00
C GLY A 116 2.28 2.23 -24.56
N THR A 117 3.37 3.01 -24.48
CA THR A 117 4.69 2.59 -24.95
C THR A 117 5.57 2.22 -23.77
N LEU A 118 6.44 1.23 -23.96
CA LEU A 118 7.42 0.94 -22.92
C LEU A 118 8.63 0.27 -23.53
N ASN A 119 9.78 0.44 -22.85
CA ASN A 119 10.96 -0.37 -23.18
C ASN A 119 10.55 -1.80 -22.92
N PHE A 120 10.98 -2.73 -23.77
CA PHE A 120 10.51 -4.10 -23.72
C PHE A 120 11.69 -5.00 -24.07
N GLY A 121 12.36 -5.50 -23.06
CA GLY A 121 13.61 -6.22 -23.26
C GLY A 121 14.66 -5.25 -23.77
N ASP A 122 15.46 -5.64 -24.77
CA ASP A 122 16.47 -4.75 -25.37
C ASP A 122 15.87 -4.12 -26.64
N ASP A 123 14.67 -3.56 -26.50
CA ASP A 123 13.90 -2.97 -27.60
C ASP A 123 12.86 -2.04 -27.00
N ILE A 124 12.01 -1.47 -27.85
CA ILE A 124 10.93 -0.59 -27.43
C ILE A 124 9.63 -1.04 -28.10
N PHE A 125 8.56 -1.18 -27.30
CA PHE A 125 7.22 -1.53 -27.80
C PHE A 125 6.46 -0.22 -27.94
N ILE A 126 6.40 0.29 -29.17
CA ILE A 126 5.84 1.61 -29.45
C ILE A 126 4.34 1.56 -29.73
N ASN A 127 3.57 2.40 -29.00
CA ASN A 127 2.13 2.59 -29.21
C ASN A 127 1.87 4.07 -29.10
N HIS A 128 2.07 4.79 -30.22
CA HIS A 128 1.96 6.24 -30.23
C HIS A 128 0.55 6.69 -29.78
N PRO A 129 0.44 7.77 -28.97
CA PRO A 129 -0.90 8.24 -28.52
C PRO A 129 -1.93 8.37 -29.66
N ALA A 130 -1.51 8.88 -30.85
CA ALA A 130 -2.46 9.03 -31.96
C ALA A 130 -2.92 7.70 -32.51
N ASP A 131 -2.03 6.68 -32.49
CA ASP A 131 -2.36 5.32 -32.97
C ASP A 131 -3.28 4.59 -31.98
N ILE A 132 -3.11 4.84 -30.67
CA ILE A 132 -4.01 4.26 -29.67
C ILE A 132 -5.43 4.79 -29.96
N ILE A 133 -5.55 6.11 -30.16
CA ILE A 133 -6.85 6.73 -30.44
C ILE A 133 -7.43 6.16 -31.75
N ARG A 134 -6.63 6.07 -32.80
CA ARG A 134 -7.11 5.56 -34.10
C ARG A 134 -7.63 4.12 -33.98
N LEU A 135 -6.92 3.26 -33.21
CA LEU A 135 -7.35 1.89 -33.04
C LEU A 135 -8.63 1.83 -32.20
N ALA A 136 -8.70 2.61 -31.10
CA ALA A 136 -9.91 2.64 -30.25
C ALA A 136 -11.14 3.05 -31.07
N GLU A 137 -10.97 4.04 -31.97
CA GLU A 137 -12.10 4.48 -32.83
C GLU A 137 -12.50 3.38 -33.83
N ALA A 138 -11.51 2.66 -34.37
CA ALA A 138 -11.75 1.56 -35.30
C ALA A 138 -12.54 0.45 -34.63
N PHE A 139 -12.21 0.11 -33.36
CA PHE A 139 -12.92 -0.96 -32.64
C PHE A 139 -14.39 -0.61 -32.50
N LYS A 140 -14.69 0.68 -32.25
CA LYS A 140 -16.09 1.16 -32.16
C LYS A 140 -16.79 0.99 -33.51
N GLN A 141 -16.12 1.33 -34.64
CA GLN A 141 -16.65 1.20 -36.00
C GLN A 141 -17.02 -0.25 -36.33
N TYR A 142 -16.19 -1.22 -35.90
CA TYR A 142 -16.40 -2.63 -36.21
C TYR A 142 -17.18 -3.39 -35.13
N ASN A 143 -17.62 -2.69 -34.06
CA ASN A 143 -18.36 -3.26 -32.91
C ASN A 143 -17.56 -4.38 -32.25
N VAL A 144 -16.25 -4.11 -32.02
CA VAL A 144 -15.33 -5.05 -31.39
C VAL A 144 -15.00 -4.46 -30.00
N VAL A 145 -15.16 -5.27 -28.94
CA VAL A 145 -14.90 -4.84 -27.57
C VAL A 145 -13.38 -4.84 -27.29
N PRO A 146 -12.80 -3.75 -26.76
CA PRO A 146 -11.35 -3.75 -26.52
C PRO A 146 -10.94 -4.55 -25.30
N GLU A 147 -9.77 -5.17 -25.40
CA GLU A 147 -9.07 -5.83 -24.30
C GLU A 147 -7.87 -4.89 -24.09
N VAL A 148 -7.93 -4.02 -23.07
CA VAL A 148 -6.94 -2.93 -22.89
C VAL A 148 -5.71 -3.41 -22.13
N GLU A 149 -4.55 -3.51 -22.80
CA GLU A 149 -3.34 -4.05 -22.17
C GLU A 149 -2.56 -2.94 -21.50
N VAL A 150 -2.37 -3.10 -20.17
CA VAL A 150 -1.73 -2.09 -19.31
C VAL A 150 -0.48 -2.70 -18.69
N TYR A 151 0.64 -2.01 -18.78
CA TYR A 151 1.94 -2.49 -18.29
C TYR A 151 2.49 -1.64 -17.15
N GLU A 152 1.89 -0.46 -16.90
CA GLU A 152 2.37 0.52 -15.93
C GLU A 152 1.22 1.32 -15.38
N SER A 153 1.42 1.91 -14.18
CA SER A 153 0.42 2.77 -13.54
C SER A 153 -0.08 3.90 -14.45
N GLY A 154 0.84 4.59 -15.13
CA GLY A 154 0.50 5.74 -15.98
C GLY A 154 -0.44 5.39 -17.13
N MET A 155 -0.45 4.10 -17.54
CA MET A 155 -1.33 3.67 -18.61
C MET A 155 -2.78 3.65 -18.15
N VAL A 156 -3.03 3.40 -16.85
CA VAL A 156 -4.39 3.46 -16.32
C VAL A 156 -4.89 4.90 -16.43
N ASP A 157 -4.08 5.90 -16.00
CA ASP A 157 -4.51 7.29 -16.13
C ASP A 157 -4.74 7.68 -17.60
N ALA A 158 -3.86 7.20 -18.49
CA ALA A 158 -3.98 7.52 -19.93
C ALA A 158 -5.34 6.97 -20.46
N VAL A 159 -5.70 5.74 -20.07
CA VAL A 159 -6.99 5.15 -20.47
C VAL A 159 -8.15 5.98 -19.87
N ALA A 160 -8.06 6.35 -18.56
CA ALA A 160 -9.11 7.16 -17.94
C ALA A 160 -9.30 8.49 -18.69
N ARG A 161 -8.21 9.08 -19.21
CA ARG A 161 -8.28 10.33 -19.98
C ARG A 161 -9.06 10.07 -21.31
N LEU A 162 -8.78 8.94 -21.97
CA LEU A 162 -9.49 8.59 -23.22
C LEU A 162 -10.97 8.32 -22.97
N ILE A 163 -11.34 7.79 -21.77
CA ILE A 163 -12.75 7.60 -21.44
C ILE A 163 -13.42 8.98 -21.29
N LYS A 164 -12.76 9.89 -20.52
CA LYS A 164 -13.28 11.22 -20.26
C LYS A 164 -13.52 12.00 -21.58
N LYS A 165 -12.64 11.78 -22.58
CA LYS A 165 -12.71 12.43 -23.88
C LYS A 165 -13.75 11.80 -24.81
N GLY A 166 -14.38 10.71 -24.40
CA GLY A 166 -15.36 9.99 -25.20
C GLY A 166 -14.75 9.14 -26.30
N ILE A 167 -13.44 8.83 -26.18
CA ILE A 167 -12.76 8.02 -27.21
C ILE A 167 -12.96 6.52 -26.89
N ILE A 168 -12.77 6.12 -25.63
CA ILE A 168 -13.06 4.77 -25.18
C ILE A 168 -14.42 4.87 -24.50
N THR A 169 -15.45 4.25 -25.11
CA THR A 169 -16.81 4.33 -24.58
C THR A 169 -17.30 3.00 -23.98
N GLN A 170 -16.54 1.91 -24.16
CA GLN A 170 -16.92 0.62 -23.61
C GLN A 170 -17.04 0.74 -22.09
N ASN A 171 -18.19 0.31 -21.54
CA ASN A 171 -18.44 0.35 -20.10
C ASN A 171 -19.36 -0.80 -19.74
N PRO A 172 -18.92 -1.79 -18.92
CA PRO A 172 -17.62 -1.89 -18.20
C PRO A 172 -16.45 -2.23 -19.12
N LEU A 173 -15.35 -1.51 -18.95
CA LEU A 173 -14.13 -1.71 -19.71
C LEU A 173 -13.31 -2.80 -19.09
N HIS A 174 -12.66 -3.62 -19.91
CA HIS A 174 -11.84 -4.71 -19.42
C HIS A 174 -10.38 -4.39 -19.58
N ILE A 175 -9.67 -4.39 -18.45
CA ILE A 175 -8.24 -4.11 -18.42
C ILE A 175 -7.46 -5.41 -18.25
N GLN A 176 -6.49 -5.64 -19.11
CA GLN A 176 -5.59 -6.79 -19.01
C GLN A 176 -4.25 -6.26 -18.49
N PHE A 177 -3.95 -6.46 -17.21
CA PHE A 177 -2.62 -6.11 -16.69
C PHE A 177 -1.62 -7.12 -17.23
N VAL A 178 -0.48 -6.65 -17.75
CA VAL A 178 0.57 -7.52 -18.26
C VAL A 178 1.78 -7.19 -17.42
N LEU A 179 2.08 -8.07 -16.44
CA LEU A 179 3.14 -7.80 -15.48
C LEU A 179 4.30 -8.75 -15.65
N GLY A 180 5.51 -8.23 -15.48
CA GLY A 180 6.70 -9.07 -15.61
C GLY A 180 7.51 -8.86 -16.86
N VAL A 181 7.12 -7.89 -17.70
CA VAL A 181 7.93 -7.58 -18.88
C VAL A 181 9.20 -6.84 -18.42
N PRO A 182 10.42 -7.18 -18.92
CA PRO A 182 11.60 -6.36 -18.57
C PRO A 182 11.45 -4.98 -19.20
N GLY A 183 11.21 -3.99 -18.37
CA GLY A 183 10.90 -2.64 -18.83
C GLY A 183 9.56 -2.18 -18.28
N GLY A 184 8.68 -3.14 -17.94
CA GLY A 184 7.36 -2.86 -17.42
C GLY A 184 7.26 -3.17 -15.94
N MET A 185 6.08 -2.95 -15.37
CA MET A 185 5.86 -3.24 -13.96
C MET A 185 5.99 -4.76 -13.71
N SER A 186 6.66 -5.16 -12.63
CA SER A 186 6.79 -6.60 -12.33
C SER A 186 5.50 -7.17 -11.74
N GLY A 187 5.45 -8.48 -11.63
CA GLY A 187 4.28 -9.16 -11.08
C GLY A 187 4.34 -9.42 -9.59
N LYS A 188 5.19 -8.68 -8.83
CA LYS A 188 5.22 -8.96 -7.39
C LYS A 188 3.88 -8.60 -6.76
N PRO A 189 3.46 -9.34 -5.70
CA PRO A 189 2.14 -9.09 -5.07
C PRO A 189 1.88 -7.62 -4.73
N LYS A 190 2.87 -6.89 -4.22
CA LYS A 190 2.67 -5.46 -3.90
C LYS A 190 2.16 -4.69 -5.15
N ASN A 191 2.69 -5.04 -6.33
CA ASN A 191 2.33 -4.35 -7.57
C ASN A 191 0.92 -4.66 -8.03
N LEU A 192 0.52 -5.94 -7.98
CA LEU A 192 -0.83 -6.26 -8.43
C LEU A 192 -1.86 -5.67 -7.45
N MET A 193 -1.59 -5.70 -6.15
CA MET A 193 -2.49 -5.07 -5.17
C MET A 193 -2.60 -3.56 -5.44
N TYR A 194 -1.46 -2.90 -5.69
CA TYR A 194 -1.48 -1.48 -6.02
C TYR A 194 -2.32 -1.25 -7.31
N MET A 195 -2.06 -2.05 -8.39
CA MET A 195 -2.73 -1.84 -9.65
C MET A 195 -4.23 -2.01 -9.58
N MET A 196 -4.73 -3.06 -8.88
CA MET A 196 -6.19 -3.23 -8.81
C MET A 196 -6.83 -2.06 -8.02
N GLU A 197 -6.14 -1.57 -6.96
CA GLU A 197 -6.66 -0.45 -6.16
C GLU A 197 -6.62 0.85 -6.96
N HIS A 198 -5.52 1.07 -7.69
CA HIS A 198 -5.36 2.24 -8.55
C HIS A 198 -6.46 2.25 -9.63
N LEU A 199 -6.68 1.11 -10.31
CA LEU A 199 -7.73 0.99 -11.30
C LEU A 199 -9.12 1.27 -10.68
N LYS A 200 -9.39 0.77 -9.46
CA LYS A 200 -10.68 1.00 -8.79
C LYS A 200 -10.90 2.50 -8.56
N GLU A 201 -9.84 3.22 -8.21
CA GLU A 201 -9.91 4.67 -7.98
C GLU A 201 -10.16 5.43 -9.28
N GLU A 202 -9.46 5.05 -10.37
CA GLU A 202 -9.48 5.81 -11.61
C GLU A 202 -10.58 5.41 -12.61
N ILE A 203 -10.95 4.12 -12.66
CA ILE A 203 -11.98 3.60 -13.57
C ILE A 203 -12.80 2.63 -12.72
N PRO A 204 -13.72 3.18 -11.88
CA PRO A 204 -14.41 2.33 -10.89
C PRO A 204 -15.20 1.13 -11.43
N THR A 205 -15.77 1.23 -12.64
CA THR A 205 -16.57 0.12 -13.17
C THR A 205 -15.75 -0.88 -13.99
N ALA A 206 -14.43 -0.62 -14.21
CA ALA A 206 -13.62 -1.53 -15.01
C ALA A 206 -13.45 -2.90 -14.35
N THR A 207 -13.40 -3.94 -15.17
CA THR A 207 -13.03 -5.28 -14.70
C THR A 207 -11.55 -5.47 -15.05
N TRP A 208 -10.91 -6.50 -14.49
CA TRP A 208 -9.51 -6.70 -14.83
C TRP A 208 -9.11 -8.16 -14.80
N ALA A 209 -8.06 -8.44 -15.56
CA ALA A 209 -7.38 -9.73 -15.61
C ALA A 209 -5.90 -9.45 -15.44
N VAL A 210 -5.13 -10.49 -15.10
CA VAL A 210 -3.69 -10.33 -15.01
C VAL A 210 -2.99 -11.44 -15.77
N ALA A 211 -1.88 -11.06 -16.45
CA ALA A 211 -0.95 -11.99 -17.10
C ALA A 211 0.38 -11.79 -16.41
N GLY A 212 0.97 -12.86 -15.93
CA GLY A 212 2.27 -12.78 -15.26
C GLY A 212 3.29 -13.46 -16.13
N ILE A 213 4.21 -12.69 -16.71
CA ILE A 213 5.23 -13.24 -17.61
C ILE A 213 6.19 -14.14 -16.84
N GLY A 214 6.50 -15.31 -17.43
CA GLY A 214 7.49 -16.21 -16.86
C GLY A 214 7.26 -16.51 -15.39
N ARG A 215 8.26 -16.21 -14.55
CA ARG A 215 8.22 -16.50 -13.12
C ARG A 215 7.08 -15.81 -12.38
N TRP A 216 6.49 -14.76 -12.97
CA TRP A 216 5.41 -14.06 -12.27
C TRP A 216 4.03 -14.71 -12.44
N HIS A 217 3.94 -15.80 -13.25
CA HIS A 217 2.64 -16.44 -13.47
C HIS A 217 2.00 -16.88 -12.16
N ILE A 218 2.75 -17.57 -11.28
CA ILE A 218 2.16 -18.07 -10.02
C ILE A 218 1.74 -16.94 -9.05
N PRO A 219 2.61 -15.95 -8.70
CA PRO A 219 2.15 -14.90 -7.76
C PRO A 219 0.97 -14.11 -8.31
N THR A 220 0.98 -13.74 -9.61
CA THR A 220 -0.16 -12.96 -10.13
C THR A 220 -1.44 -13.80 -10.11
N SER A 221 -1.36 -15.09 -10.49
CA SER A 221 -2.56 -15.94 -10.53
C SER A 221 -3.19 -16.12 -9.16
N LEU A 222 -2.37 -16.40 -8.13
CA LEU A 222 -2.94 -16.68 -6.82
C LEU A 222 -3.52 -15.44 -6.19
N ILE A 223 -2.94 -14.25 -6.45
CA ILE A 223 -3.50 -13.00 -5.92
C ILE A 223 -4.83 -12.72 -6.64
N ALA A 224 -4.85 -12.85 -7.99
CA ALA A 224 -6.09 -12.63 -8.72
C ALA A 224 -7.20 -13.58 -8.23
N MET A 225 -6.84 -14.83 -7.92
CA MET A 225 -7.82 -15.81 -7.45
C MET A 225 -8.67 -15.30 -6.29
N VAL A 226 -8.03 -14.64 -5.32
CA VAL A 226 -8.70 -14.25 -4.10
C VAL A 226 -9.08 -12.77 -4.03
N THR A 227 -8.89 -12.02 -5.14
CA THR A 227 -9.22 -10.60 -5.15
C THR A 227 -10.31 -10.29 -6.20
N GLY A 228 -10.87 -11.32 -6.82
CA GLY A 228 -11.94 -11.14 -7.79
C GLY A 228 -11.47 -10.91 -9.20
N GLY A 229 -10.16 -10.90 -9.41
CA GLY A 229 -9.61 -10.70 -10.74
C GLY A 229 -9.70 -11.95 -11.59
N HIS A 230 -9.46 -11.75 -12.90
CA HIS A 230 -9.47 -12.82 -13.89
C HIS A 230 -8.01 -13.12 -14.28
N ILE A 231 -7.78 -14.28 -14.90
CA ILE A 231 -6.40 -14.70 -15.13
C ILE A 231 -6.16 -15.10 -16.57
N ARG A 232 -5.02 -14.64 -17.10
CA ARG A 232 -4.54 -15.05 -18.40
C ARG A 232 -3.31 -15.93 -18.21
N CYS A 233 -3.23 -17.04 -18.97
CA CYS A 233 -2.06 -17.90 -18.90
C CYS A 233 -1.72 -18.30 -20.32
N GLY A 234 -0.60 -18.99 -20.51
CA GLY A 234 -0.32 -19.50 -21.85
C GLY A 234 1.07 -19.24 -22.33
N PHE A 235 1.43 -19.94 -23.43
CA PHE A 235 2.76 -19.91 -24.02
C PHE A 235 3.21 -18.54 -24.53
N GLU A 236 2.28 -17.64 -24.83
CA GLU A 236 2.67 -16.29 -25.19
C GLU A 236 3.47 -15.62 -24.06
N ASP A 237 3.06 -15.91 -22.81
CA ASP A 237 3.59 -15.27 -21.60
C ASP A 237 4.54 -16.13 -20.79
N ASN A 238 4.34 -17.46 -20.82
CA ASN A 238 5.12 -18.36 -20.00
C ASN A 238 5.10 -19.76 -20.60
N ILE A 239 6.25 -20.38 -20.79
CA ILE A 239 6.30 -21.72 -21.40
C ILE A 239 6.57 -22.81 -20.37
N PHE A 240 6.80 -22.44 -19.10
CA PHE A 240 7.16 -23.40 -18.07
C PHE A 240 6.03 -23.75 -17.13
N TYR A 241 5.91 -25.06 -16.83
CA TYR A 241 4.91 -25.52 -15.85
C TYR A 241 5.49 -25.31 -14.46
N HIS A 242 6.78 -25.62 -14.29
CA HIS A 242 7.55 -25.36 -13.07
C HIS A 242 8.89 -24.78 -13.50
N LYS A 243 9.65 -24.18 -12.57
CA LYS A 243 10.99 -23.68 -12.92
C LYS A 243 11.81 -24.80 -13.60
N GLY A 244 12.29 -24.54 -14.81
CA GLY A 244 13.07 -25.49 -15.60
C GLY A 244 12.34 -26.71 -16.13
N VAL A 245 10.98 -26.71 -16.06
CA VAL A 245 10.14 -27.81 -16.53
C VAL A 245 9.18 -27.26 -17.57
N ILE A 246 9.45 -27.52 -18.86
CA ILE A 246 8.62 -27.03 -19.97
C ILE A 246 7.20 -27.62 -19.86
N ALA A 247 6.18 -26.77 -20.08
CA ALA A 247 4.78 -27.21 -20.07
C ALA A 247 4.52 -28.08 -21.30
N GLU A 248 3.63 -29.07 -21.16
CA GLU A 248 3.30 -29.95 -22.28
C GLU A 248 2.29 -29.32 -23.25
N SER A 249 1.47 -28.36 -22.78
CA SER A 249 0.42 -27.72 -23.59
C SER A 249 -0.08 -26.49 -22.88
N ASN A 250 -0.82 -25.63 -23.60
CA ASN A 250 -1.48 -24.50 -22.94
C ASN A 250 -2.57 -25.04 -22.01
N ALA A 251 -3.28 -26.11 -22.42
CA ALA A 251 -4.35 -26.70 -21.60
C ALA A 251 -3.81 -27.18 -20.24
N GLN A 252 -2.55 -27.64 -20.18
CA GLN A 252 -1.97 -28.05 -18.90
C GLN A 252 -1.90 -26.86 -17.91
N LEU A 253 -1.52 -25.69 -18.42
CA LEU A 253 -1.45 -24.47 -17.61
C LEU A 253 -2.85 -24.02 -17.16
N VAL A 254 -3.84 -24.10 -18.07
CA VAL A 254 -5.24 -23.73 -17.76
C VAL A 254 -5.78 -24.67 -16.68
N ALA A 255 -5.56 -25.99 -16.86
CA ALA A 255 -6.09 -27.00 -15.93
C ALA A 255 -5.58 -26.80 -14.51
N ARG A 256 -4.30 -26.36 -14.34
CA ARG A 256 -3.83 -26.12 -12.96
C ARG A 256 -4.64 -25.00 -12.32
N LEU A 257 -4.90 -23.90 -13.05
CA LEU A 257 -5.67 -22.79 -12.51
C LEU A 257 -7.10 -23.23 -12.17
N ALA A 258 -7.68 -24.09 -13.04
CA ALA A 258 -9.03 -24.62 -12.81
C ALA A 258 -9.03 -25.50 -11.54
N ARG A 259 -7.98 -26.32 -11.33
CA ARG A 259 -7.92 -27.15 -10.12
C ARG A 259 -7.81 -26.29 -8.87
N ILE A 260 -6.98 -25.21 -8.91
CA ILE A 260 -6.84 -24.35 -7.74
C ILE A 260 -8.17 -23.65 -7.45
N ALA A 261 -8.86 -23.15 -8.50
CA ALA A 261 -10.17 -22.53 -8.31
C ALA A 261 -11.16 -23.51 -7.68
N LYS A 262 -11.16 -24.78 -8.12
CA LYS A 262 -12.04 -25.80 -7.53
C LYS A 262 -11.68 -26.03 -6.06
N GLU A 263 -10.37 -26.12 -5.74
CA GLU A 263 -9.92 -26.30 -4.35
C GLU A 263 -10.49 -25.21 -3.43
N ILE A 264 -10.42 -23.94 -3.86
CA ILE A 264 -10.82 -22.81 -3.00
C ILE A 264 -12.31 -22.44 -3.12
N GLY A 265 -13.04 -23.12 -4.00
CA GLY A 265 -14.46 -22.88 -4.18
C GLY A 265 -14.82 -21.67 -5.03
N ARG A 266 -13.92 -21.23 -5.94
CA ARG A 266 -14.22 -20.14 -6.86
C ARG A 266 -14.75 -20.76 -8.15
N PRO A 267 -16.01 -20.51 -8.52
CA PRO A 267 -16.53 -21.15 -9.74
C PRO A 267 -15.92 -20.56 -11.00
N LEU A 268 -15.77 -21.39 -12.03
CA LEU A 268 -15.35 -20.88 -13.34
C LEU A 268 -16.56 -20.31 -14.04
N ALA A 269 -16.38 -19.17 -14.72
CA ALA A 269 -17.47 -18.56 -15.48
C ALA A 269 -17.93 -19.49 -16.58
N THR A 270 -19.25 -19.58 -16.79
CA THR A 270 -19.76 -20.28 -17.96
C THR A 270 -19.50 -19.37 -19.18
N PRO A 271 -19.60 -19.86 -20.44
CA PRO A 271 -19.47 -18.93 -21.58
C PRO A 271 -20.47 -17.75 -21.48
N GLU A 272 -21.73 -18.00 -21.04
CA GLU A 272 -22.74 -16.93 -20.90
C GLU A 272 -22.29 -15.90 -19.86
N GLN A 273 -21.78 -16.38 -18.68
CA GLN A 273 -21.30 -15.48 -17.64
C GLN A 273 -20.09 -14.68 -18.11
N ALA A 274 -19.14 -15.31 -18.85
CA ALA A 274 -17.96 -14.60 -19.37
C ALA A 274 -18.39 -13.48 -20.33
N ARG A 275 -19.37 -13.76 -21.24
CA ARG A 275 -19.87 -12.74 -22.15
C ARG A 275 -20.57 -11.60 -21.40
N GLU A 276 -21.28 -11.91 -20.31
CA GLU A 276 -21.95 -10.89 -19.48
C GLU A 276 -20.93 -10.02 -18.75
N ILE A 277 -19.92 -10.66 -18.09
CA ILE A 277 -18.89 -9.93 -17.35
C ILE A 277 -18.11 -8.99 -18.26
N LEU A 278 -17.77 -9.47 -19.45
CA LEU A 278 -16.97 -8.73 -20.43
C LEU A 278 -17.82 -7.81 -21.32
N ALA A 279 -19.16 -7.79 -21.10
CA ALA A 279 -20.15 -6.96 -21.80
C ALA A 279 -20.04 -7.15 -23.32
N LEU A 280 -20.05 -8.41 -23.75
CA LEU A 280 -19.91 -8.78 -25.17
C LEU A 280 -21.27 -8.94 -25.85
N ASN A 281 -22.37 -8.92 -25.10
CA ASN A 281 -23.71 -9.10 -25.67
C ASN A 281 -24.19 -7.84 -26.40
N HIS B 5 11.97 10.55 8.02
CA HIS B 5 11.81 11.40 9.20
C HIS B 5 11.95 12.87 8.81
N HIS B 6 11.04 13.72 9.33
CA HIS B 6 10.98 15.14 9.02
C HIS B 6 12.05 15.98 9.74
N HIS B 7 13.14 15.35 10.21
CA HIS B 7 14.25 16.05 10.88
C HIS B 7 15.55 15.93 10.08
N GLU B 8 15.57 15.03 9.07
CA GLU B 8 16.71 14.80 8.16
C GLU B 8 16.84 16.01 7.23
N PRO B 9 18.04 16.46 6.82
CA PRO B 9 18.13 17.67 5.98
C PRO B 9 17.37 17.54 4.67
N LEU B 10 16.80 18.67 4.22
CA LEU B 10 16.03 18.68 2.99
C LEU B 10 16.81 19.37 1.88
N ILE B 11 16.92 18.68 0.73
CA ILE B 11 17.55 19.24 -0.45
C ILE B 11 16.44 19.73 -1.38
N LEU B 12 16.48 21.03 -1.70
CA LEU B 12 15.54 21.62 -2.64
C LEU B 12 16.27 21.83 -3.95
N THR B 13 15.69 21.32 -5.05
CA THR B 13 16.24 21.49 -6.39
C THR B 13 15.33 22.44 -7.15
N ALA B 14 15.92 23.41 -7.88
CA ALA B 14 15.13 24.30 -8.72
C ALA B 14 15.37 23.93 -10.17
N ALA B 15 14.31 23.45 -10.86
CA ALA B 15 14.38 23.08 -12.29
C ALA B 15 13.83 24.29 -13.02
N ILE B 16 14.71 25.23 -13.30
CA ILE B 16 14.32 26.59 -13.64
C ILE B 16 13.85 26.86 -15.06
N THR B 17 14.20 26.01 -16.03
CA THR B 17 13.89 26.32 -17.43
C THR B 17 13.20 25.17 -18.15
N GLY B 18 13.83 24.00 -18.17
CA GLY B 18 13.23 22.85 -18.85
C GLY B 18 13.34 22.92 -20.35
N ALA B 19 12.80 21.87 -21.01
CA ALA B 19 12.86 21.78 -22.46
C ALA B 19 11.56 22.16 -23.14
N GLU B 20 10.45 22.23 -22.38
CA GLU B 20 9.12 22.45 -22.99
C GLU B 20 8.42 23.74 -22.61
N THR B 21 8.63 24.24 -21.37
CA THR B 21 7.92 25.45 -20.92
C THR B 21 8.13 26.62 -21.86
N THR B 22 7.05 27.35 -22.14
CA THR B 22 7.13 28.50 -23.05
C THR B 22 6.98 29.82 -22.31
N ARG B 23 7.56 30.85 -22.89
CA ARG B 23 7.44 32.21 -22.39
C ARG B 23 6.02 32.75 -22.57
N ALA B 24 5.25 32.21 -23.54
CA ALA B 24 3.86 32.63 -23.75
C ALA B 24 3.03 32.27 -22.51
N ASP B 25 3.31 31.10 -21.92
CA ASP B 25 2.61 30.65 -20.73
C ASP B 25 3.22 31.25 -19.46
N GLN B 26 4.56 31.33 -19.43
CA GLN B 26 5.29 31.78 -18.24
C GLN B 26 6.31 32.86 -18.66
N PRO B 27 5.89 34.15 -18.65
CA PRO B 27 6.79 35.23 -19.12
C PRO B 27 8.05 35.42 -18.28
N ASN B 28 8.09 34.85 -17.07
CA ASN B 28 9.24 34.98 -16.17
C ASN B 28 10.26 33.86 -16.40
N LEU B 29 10.04 33.03 -17.43
CA LEU B 29 10.95 31.92 -17.70
C LEU B 29 12.40 32.40 -18.05
N PRO B 30 13.43 31.98 -17.27
CA PRO B 30 14.81 32.33 -17.63
C PRO B 30 15.30 31.50 -18.82
N ILE B 31 15.82 32.15 -19.88
CA ILE B 31 16.27 31.41 -21.06
C ILE B 31 17.74 31.64 -21.38
N THR B 32 18.30 32.81 -21.06
CA THR B 32 19.69 33.08 -21.34
C THR B 32 20.60 32.73 -20.15
N PRO B 33 21.92 32.46 -20.38
CA PRO B 33 22.83 32.20 -19.24
C PRO B 33 22.76 33.28 -18.15
N GLU B 34 22.71 34.59 -18.53
CA GLU B 34 22.60 35.70 -17.58
C GLU B 34 21.30 35.57 -16.74
N GLU B 35 20.15 35.30 -17.40
CA GLU B 35 18.87 35.14 -16.70
C GLU B 35 18.91 33.92 -15.78
N GLN B 36 19.52 32.82 -16.27
CA GLN B 36 19.60 31.58 -15.49
C GLN B 36 20.48 31.78 -14.25
N ALA B 37 21.56 32.56 -14.36
CA ALA B 37 22.44 32.84 -13.21
C ALA B 37 21.72 33.67 -12.17
N LYS B 38 20.99 34.71 -12.61
CA LYS B 38 20.22 35.57 -11.69
C LYS B 38 19.19 34.74 -10.95
N GLU B 39 18.47 33.86 -11.68
CA GLU B 39 17.47 32.98 -11.06
C GLU B 39 18.14 31.99 -10.11
N ALA B 40 19.30 31.41 -10.49
CA ALA B 40 20.02 30.46 -9.62
C ALA B 40 20.42 31.11 -8.29
N LYS B 41 20.91 32.37 -8.32
CA LYS B 41 21.29 33.07 -7.11
C LYS B 41 20.05 33.30 -6.23
N ALA B 42 18.92 33.76 -6.82
CA ALA B 42 17.69 33.99 -6.05
C ALA B 42 17.16 32.68 -5.46
N CYS B 43 17.26 31.57 -6.23
CA CYS B 43 16.80 30.26 -5.73
C CYS B 43 17.68 29.78 -4.58
N PHE B 44 19.01 29.94 -4.72
CA PHE B 44 19.93 29.55 -3.64
C PHE B 44 19.60 30.30 -2.35
N GLU B 45 19.38 31.62 -2.48
CA GLU B 45 19.05 32.47 -1.32
C GLU B 45 17.71 32.05 -0.68
N ALA B 46 16.79 31.51 -1.49
CA ALA B 46 15.49 31.06 -1.01
C ALA B 46 15.56 29.63 -0.39
N GLY B 47 16.67 28.92 -0.58
CA GLY B 47 16.84 27.58 0.01
C GLY B 47 17.25 26.46 -0.89
N ALA B 48 17.34 26.71 -2.21
CA ALA B 48 17.73 25.64 -3.16
C ALA B 48 19.22 25.32 -3.03
N ARG B 49 19.57 24.03 -3.16
CA ARG B 49 20.98 23.62 -3.09
C ARG B 49 21.42 23.01 -4.42
N VAL B 50 20.46 22.72 -5.32
CA VAL B 50 20.74 22.18 -6.64
C VAL B 50 19.98 22.95 -7.68
N ILE B 51 20.62 23.18 -8.84
CA ILE B 51 19.93 23.73 -10.00
CA ILE B 51 19.91 23.73 -9.98
C ILE B 51 19.87 22.62 -11.04
N HIS B 52 18.66 22.26 -11.49
CA HIS B 52 18.47 21.27 -12.57
C HIS B 52 18.38 22.11 -13.81
N LEU B 53 19.42 22.04 -14.64
CA LEU B 53 19.61 22.97 -15.74
C LEU B 53 19.45 22.39 -17.13
N HIS B 54 18.54 23.00 -17.89
CA HIS B 54 18.41 22.87 -19.33
C HIS B 54 18.85 24.20 -19.93
N ILE B 55 19.48 24.17 -21.11
CA ILE B 55 19.88 25.41 -21.77
C ILE B 55 18.99 25.65 -22.99
N ARG B 56 18.86 26.93 -23.34
CA ARG B 56 18.07 27.37 -24.50
C ARG B 56 18.88 28.32 -25.34
N GLU B 57 18.54 28.44 -26.62
CA GLU B 57 19.10 29.48 -27.47
C GLU B 57 18.36 30.79 -27.12
N ASP B 58 18.85 31.94 -27.58
CA ASP B 58 18.18 33.21 -27.28
C ASP B 58 16.73 33.28 -27.82
N ASP B 59 16.38 32.48 -28.84
CA ASP B 59 15.02 32.47 -29.38
C ASP B 59 14.10 31.53 -28.56
N GLY B 60 14.66 30.90 -27.52
CA GLY B 60 13.93 30.02 -26.62
C GLY B 60 13.91 28.57 -26.99
N ARG B 61 14.51 28.17 -28.13
CA ARG B 61 14.48 26.75 -28.48
C ARG B 61 15.52 25.97 -27.64
N PRO B 62 15.27 24.69 -27.36
CA PRO B 62 16.27 23.89 -26.62
C PRO B 62 17.63 23.86 -27.31
N SER B 63 18.70 23.85 -26.52
CA SER B 63 20.05 23.83 -27.03
C SER B 63 20.83 22.67 -26.43
N GLN B 64 21.85 22.22 -27.18
CA GLN B 64 22.80 21.21 -26.73
C GLN B 64 24.22 21.71 -26.96
N ARG B 65 24.37 22.99 -27.38
CA ARG B 65 25.70 23.56 -27.71
C ARG B 65 26.60 23.55 -26.48
N LEU B 66 27.78 22.92 -26.63
CA LEU B 66 28.76 22.82 -25.56
C LEU B 66 29.14 24.22 -25.00
N ASP B 67 29.37 25.19 -25.90
CA ASP B 67 29.70 26.58 -25.53
C ASP B 67 28.56 27.22 -24.74
N ARG B 68 27.29 26.89 -25.05
CA ARG B 68 26.14 27.43 -24.33
C ARG B 68 26.08 26.83 -22.91
N PHE B 69 26.36 25.52 -22.79
CA PHE B 69 26.43 24.88 -21.47
C PHE B 69 27.56 25.54 -20.65
N GLN B 70 28.74 25.79 -21.27
CA GLN B 70 29.86 26.41 -20.57
CA GLN B 70 29.87 26.42 -20.59
C GLN B 70 29.48 27.82 -20.10
N GLU B 71 28.79 28.60 -20.95
CA GLU B 71 28.35 29.96 -20.62
CA GLU B 71 28.35 29.97 -20.59
C GLU B 71 27.39 29.94 -19.42
N ALA B 72 26.39 29.01 -19.43
CA ALA B 72 25.41 28.92 -18.34
C ALA B 72 26.07 28.44 -17.05
N ILE B 73 26.88 27.36 -17.13
CA ILE B 73 27.52 26.81 -15.92
C ILE B 73 28.45 27.86 -15.31
N SER B 74 29.31 28.50 -16.14
CA SER B 74 30.23 29.53 -15.65
C SER B 74 29.48 30.71 -15.02
N ALA B 75 28.38 31.17 -15.65
CA ALA B 75 27.59 32.31 -15.15
C ALA B 75 26.99 32.00 -13.78
N ILE B 76 26.46 30.77 -13.62
CA ILE B 76 25.87 30.36 -12.35
C ILE B 76 26.94 30.23 -11.28
N ARG B 77 28.06 29.52 -11.58
CA ARG B 77 29.16 29.33 -10.63
C ARG B 77 29.80 30.64 -10.20
N GLU B 78 29.84 31.64 -11.08
CA GLU B 78 30.40 32.94 -10.74
C GLU B 78 29.60 33.64 -9.62
N VAL B 79 28.25 33.56 -9.67
CA VAL B 79 27.40 34.27 -8.70
C VAL B 79 27.01 33.41 -7.50
N VAL B 80 26.95 32.07 -7.68
CA VAL B 80 26.61 31.20 -6.57
C VAL B 80 27.49 29.92 -6.63
N PRO B 81 28.79 30.05 -6.25
CA PRO B 81 29.71 28.91 -6.36
C PRO B 81 29.37 27.70 -5.49
N GLU B 82 28.52 27.87 -4.48
CA GLU B 82 28.15 26.78 -3.59
C GLU B 82 27.06 25.87 -4.18
N ILE B 83 26.30 26.35 -5.18
CA ILE B 83 25.18 25.53 -5.67
C ILE B 83 25.69 24.35 -6.52
N ILE B 84 24.94 23.22 -6.48
CA ILE B 84 25.22 22.00 -7.24
C ILE B 84 24.57 22.16 -8.59
N ILE B 85 25.35 22.00 -9.66
CA ILE B 85 24.77 22.14 -11.01
C ILE B 85 24.53 20.74 -11.55
N GLN B 86 23.27 20.48 -11.91
CA GLN B 86 22.82 19.20 -12.45
C GLN B 86 22.32 19.46 -13.86
N ILE B 87 23.04 19.00 -14.88
CA ILE B 87 22.67 19.33 -16.26
C ILE B 87 21.88 18.23 -16.94
N SER B 88 21.02 18.64 -17.89
CA SER B 88 20.21 17.73 -18.70
C SER B 88 20.58 18.02 -20.13
N THR B 89 21.14 17.00 -20.85
CA THR B 89 21.80 17.23 -22.14
C THR B 89 21.04 16.81 -23.41
N GLY B 90 19.76 16.48 -23.29
CA GLY B 90 18.94 16.18 -24.46
C GLY B 90 18.48 17.44 -25.15
N GLY B 91 17.95 17.28 -26.36
CA GLY B 91 17.43 18.41 -27.13
C GLY B 91 16.03 18.11 -27.60
N ALA B 92 15.52 18.93 -28.52
CA ALA B 92 14.17 18.77 -29.05
C ALA B 92 14.24 17.90 -30.34
N VAL B 93 13.21 17.98 -31.21
CA VAL B 93 13.25 17.27 -32.49
C VAL B 93 14.45 17.84 -33.25
N GLY B 94 15.30 16.96 -33.79
CA GLY B 94 16.47 17.44 -34.50
C GLY B 94 17.71 17.55 -33.61
N GLU B 95 17.64 16.99 -32.38
CA GLU B 95 18.78 16.95 -31.46
C GLU B 95 19.85 16.00 -31.99
N SER B 96 21.00 15.99 -31.34
CA SER B 96 22.10 15.07 -31.63
C SER B 96 22.23 14.12 -30.46
N PHE B 97 22.44 12.83 -30.74
CA PHE B 97 22.70 11.89 -29.63
C PHE B 97 24.11 12.10 -29.08
N ASP B 98 25.11 12.27 -29.95
CA ASP B 98 26.50 12.48 -29.51
C ASP B 98 26.61 13.74 -28.62
N LYS B 99 25.77 14.78 -28.89
CA LYS B 99 25.82 16.02 -28.08
C LYS B 99 25.26 15.83 -26.69
N ARG B 100 24.61 14.69 -26.45
CA ARG B 100 24.14 14.37 -25.08
C ARG B 100 25.33 14.02 -24.20
N LEU B 101 26.40 13.46 -24.79
CA LEU B 101 27.57 13.04 -24.02
C LEU B 101 28.60 14.14 -23.88
N ALA B 102 28.81 14.97 -24.93
CA ALA B 102 29.81 16.04 -24.96
C ALA B 102 29.83 16.93 -23.68
N PRO B 103 28.69 17.38 -23.08
CA PRO B 103 28.79 18.24 -21.89
C PRO B 103 29.30 17.52 -20.62
N LEU B 104 29.28 16.17 -20.59
CA LEU B 104 29.82 15.40 -19.44
C LEU B 104 31.33 15.62 -19.28
N ALA B 105 32.01 16.01 -20.39
CA ALA B 105 33.43 16.33 -20.38
C ALA B 105 33.71 17.65 -19.65
N LEU B 106 32.66 18.46 -19.35
CA LEU B 106 32.77 19.69 -18.57
C LEU B 106 32.78 19.36 -17.08
N LYS B 107 32.69 18.05 -16.79
CA LYS B 107 32.67 17.46 -15.45
C LYS B 107 31.66 18.17 -14.55
N PRO B 108 30.34 18.20 -14.92
CA PRO B 108 29.34 18.78 -13.99
C PRO B 108 29.24 17.89 -12.75
N GLU B 109 28.72 18.39 -11.61
CA GLU B 109 28.62 17.52 -10.43
C GLU B 109 27.69 16.37 -10.73
N MET B 110 26.55 16.69 -11.36
CA MET B 110 25.55 15.69 -11.72
C MET B 110 25.00 15.92 -13.11
N ALA B 111 24.38 14.88 -13.68
CA ALA B 111 23.68 15.03 -14.95
C ALA B 111 22.50 14.07 -15.00
N THR B 112 21.45 14.43 -15.74
CA THR B 112 20.27 13.56 -15.83
C THR B 112 20.54 12.29 -16.63
N LEU B 113 20.06 11.16 -16.09
CA LEU B 113 20.04 9.87 -16.78
C LEU B 113 18.57 9.42 -16.83
N ASN B 114 18.00 9.27 -18.02
CA ASN B 114 16.62 8.83 -18.17
C ASN B 114 16.51 7.33 -18.03
N ALA B 115 15.54 6.86 -17.24
CA ALA B 115 15.48 5.42 -16.96
C ALA B 115 14.57 4.62 -17.91
N GLY B 116 13.86 5.26 -18.81
CA GLY B 116 12.96 4.53 -19.67
C GLY B 116 12.23 5.41 -20.66
N THR B 117 11.35 4.79 -21.43
CA THR B 117 10.54 5.44 -22.45
C THR B 117 9.10 5.53 -21.97
N LEU B 118 8.39 6.58 -22.37
CA LEU B 118 6.95 6.67 -22.12
C LEU B 118 6.29 7.59 -23.10
N ASN B 119 5.00 7.35 -23.35
CA ASN B 119 4.18 8.33 -24.03
C ASN B 119 4.20 9.58 -23.18
N PHE B 120 4.30 10.75 -23.81
CA PHE B 120 4.51 12.01 -23.08
C PHE B 120 3.68 13.06 -23.77
N GLY B 121 2.47 13.29 -23.25
CA GLY B 121 1.51 14.14 -23.92
C GLY B 121 1.09 13.49 -25.23
N ASP B 122 1.12 14.24 -26.33
CA ASP B 122 0.71 13.71 -27.64
C ASP B 122 1.85 12.99 -28.38
N ASP B 123 3.04 12.90 -27.75
CA ASP B 123 4.24 12.38 -28.34
C ASP B 123 4.80 11.22 -27.55
N ILE B 124 6.04 10.82 -27.85
CA ILE B 124 6.74 9.76 -27.14
C ILE B 124 8.11 10.27 -26.71
N PHE B 125 8.46 10.06 -25.43
CA PHE B 125 9.79 10.39 -24.91
C PHE B 125 10.62 9.10 -24.96
N ILE B 126 11.45 8.95 -25.99
CA ILE B 126 12.18 7.71 -26.24
C ILE B 126 13.56 7.69 -25.61
N ASN B 127 13.84 6.61 -24.84
CA ASN B 127 15.13 6.35 -24.22
C ASN B 127 15.40 4.87 -24.39
N HIS B 128 15.98 4.49 -25.53
CA HIS B 128 16.22 3.07 -25.82
C HIS B 128 17.13 2.42 -24.78
N PRO B 129 16.85 1.18 -24.34
CA PRO B 129 17.70 0.51 -23.33
C PRO B 129 19.20 0.54 -23.62
N ALA B 130 19.60 0.39 -24.91
CA ALA B 130 21.03 0.40 -25.24
C ALA B 130 21.62 1.81 -25.10
N ASP B 131 20.81 2.86 -25.34
CA ASP B 131 21.27 4.25 -25.21
C ASP B 131 21.35 4.67 -23.74
N ILE B 132 20.45 4.10 -22.88
CA ILE B 132 20.54 4.35 -21.43
C ILE B 132 21.87 3.77 -20.92
N ILE B 133 22.21 2.53 -21.35
CA ILE B 133 23.47 1.90 -20.94
C ILE B 133 24.65 2.73 -21.44
N ARG B 134 24.64 3.16 -22.70
CA ARG B 134 25.75 3.94 -23.24
C ARG B 134 25.97 5.22 -22.41
N LEU B 135 24.90 5.95 -22.09
CA LEU B 135 25.02 7.16 -21.29
C LEU B 135 25.50 6.86 -19.89
N ALA B 136 24.98 5.77 -19.26
CA ALA B 136 25.41 5.39 -17.90
C ALA B 136 26.92 5.10 -17.88
N GLU B 137 27.44 4.46 -18.94
CA GLU B 137 28.88 4.18 -19.02
C GLU B 137 29.66 5.49 -19.20
N ALA B 138 29.08 6.47 -19.92
CA ALA B 138 29.75 7.76 -20.10
C ALA B 138 29.85 8.54 -18.78
N PHE B 139 28.84 8.39 -17.87
CA PHE B 139 28.86 9.03 -16.55
C PHE B 139 30.08 8.56 -15.76
N LYS B 140 30.34 7.24 -15.80
CA LYS B 140 31.49 6.66 -15.12
C LYS B 140 32.79 7.22 -15.67
N GLN B 141 32.91 7.26 -17.02
CA GLN B 141 34.09 7.74 -17.71
C GLN B 141 34.49 9.14 -17.25
N TYR B 142 33.50 10.04 -17.10
CA TYR B 142 33.71 11.44 -16.74
C TYR B 142 33.53 11.75 -15.26
N ASN B 143 33.31 10.70 -14.40
CA ASN B 143 33.12 10.81 -12.94
CA ASN B 143 33.14 10.82 -12.95
C ASN B 143 31.98 11.79 -12.60
N VAL B 144 30.86 11.66 -13.34
CA VAL B 144 29.66 12.48 -13.10
C VAL B 144 28.65 11.64 -12.34
N VAL B 145 28.03 12.19 -11.30
CA VAL B 145 27.05 11.40 -10.55
C VAL B 145 25.68 11.51 -11.25
N PRO B 146 24.99 10.40 -11.51
CA PRO B 146 23.71 10.50 -12.22
C PRO B 146 22.56 10.91 -11.34
N GLU B 147 21.59 11.61 -11.94
CA GLU B 147 20.31 11.94 -11.32
C GLU B 147 19.35 11.16 -12.17
N VAL B 148 18.87 10.02 -11.64
CA VAL B 148 18.11 9.05 -12.46
C VAL B 148 16.63 9.39 -12.45
N GLU B 149 16.08 9.77 -13.62
CA GLU B 149 14.70 10.21 -13.73
C GLU B 149 13.80 9.03 -14.01
N VAL B 150 12.83 8.82 -13.10
CA VAL B 150 11.89 7.66 -13.11
C VAL B 150 10.46 8.19 -13.19
N TYR B 151 9.65 7.67 -14.13
CA TYR B 151 8.27 8.11 -14.35
C TYR B 151 7.25 7.02 -14.07
N GLU B 152 7.70 5.77 -13.91
CA GLU B 152 6.86 4.60 -13.74
C GLU B 152 7.53 3.56 -12.88
N SER B 153 6.71 2.66 -12.29
CA SER B 153 7.22 1.57 -11.45
C SER B 153 8.27 0.71 -12.15
N GLY B 154 8.00 0.33 -13.42
CA GLY B 154 8.91 -0.52 -14.18
C GLY B 154 10.28 0.08 -14.40
N MET B 155 10.40 1.40 -14.31
CA MET B 155 11.71 2.05 -14.48
C MET B 155 12.57 1.80 -13.27
N VAL B 156 11.98 1.63 -12.07
CA VAL B 156 12.76 1.28 -10.87
C VAL B 156 13.39 -0.10 -11.08
N ASP B 157 12.59 -1.08 -11.54
CA ASP B 157 13.13 -2.43 -11.81
C ASP B 157 14.22 -2.38 -12.88
N ALA B 158 14.00 -1.55 -13.92
CA ALA B 158 14.99 -1.45 -15.02
C ALA B 158 16.32 -0.91 -14.46
N VAL B 159 16.26 0.10 -13.57
CA VAL B 159 17.47 0.63 -12.93
C VAL B 159 18.12 -0.45 -12.05
N ALA B 160 17.31 -1.17 -11.24
CA ALA B 160 17.86 -2.24 -10.40
C ALA B 160 18.58 -3.31 -11.23
N ARG B 161 18.06 -3.60 -12.44
CA ARG B 161 18.69 -4.57 -13.32
C ARG B 161 20.06 -4.03 -13.80
N LEU B 162 20.14 -2.72 -14.14
CA LEU B 162 21.40 -2.09 -14.56
C LEU B 162 22.42 -2.07 -13.41
N ILE B 163 21.95 -1.96 -12.14
CA ILE B 163 22.86 -2.04 -10.99
C ILE B 163 23.42 -3.47 -10.90
N LYS B 164 22.52 -4.47 -10.98
CA LYS B 164 22.91 -5.90 -10.91
C LYS B 164 23.94 -6.26 -12.00
N LYS B 165 23.81 -5.65 -13.18
CA LYS B 165 24.72 -5.89 -14.31
C LYS B 165 26.04 -5.08 -14.22
N GLY B 166 26.19 -4.26 -13.19
CA GLY B 166 27.36 -3.41 -13.02
C GLY B 166 27.45 -2.22 -13.97
N ILE B 167 26.34 -1.81 -14.61
CA ILE B 167 26.35 -0.67 -15.52
C ILE B 167 26.16 0.63 -14.70
N ILE B 168 25.23 0.61 -13.72
CA ILE B 168 25.04 1.74 -12.82
C ILE B 168 25.69 1.35 -11.50
N THR B 169 26.84 1.96 -11.17
CA THR B 169 27.57 1.57 -9.98
C THR B 169 27.51 2.61 -8.85
N GLN B 170 26.97 3.79 -9.13
CA GLN B 170 26.86 4.85 -8.12
C GLN B 170 26.07 4.31 -6.92
N ASN B 171 26.64 4.43 -5.71
CA ASN B 171 25.98 3.96 -4.49
C ASN B 171 26.39 4.90 -3.33
N PRO B 172 25.47 5.65 -2.71
CA PRO B 172 24.00 5.66 -2.90
C PRO B 172 23.57 6.35 -4.17
N LEU B 173 22.65 5.69 -4.91
CA LEU B 173 22.12 6.19 -6.16
C LEU B 173 21.00 7.15 -5.86
N HIS B 174 20.89 8.23 -6.64
CA HIS B 174 19.82 9.21 -6.41
C HIS B 174 18.77 9.10 -7.49
N ILE B 175 17.54 8.83 -7.07
CA ILE B 175 16.39 8.70 -7.97
C ILE B 175 15.53 9.95 -7.91
N GLN B 176 15.23 10.53 -9.08
CA GLN B 176 14.32 11.66 -9.18
C GLN B 176 12.99 11.14 -9.74
N PHE B 177 11.98 10.99 -8.89
CA PHE B 177 10.66 10.63 -9.40
C PHE B 177 10.06 11.85 -10.09
N VAL B 178 9.50 11.64 -11.30
CA VAL B 178 8.86 12.73 -12.03
C VAL B 178 7.43 12.28 -12.20
N LEU B 179 6.52 12.84 -11.38
CA LEU B 179 5.13 12.39 -11.37
C LEU B 179 4.20 13.45 -11.90
N GLY B 180 3.20 13.03 -12.65
CA GLY B 180 2.22 13.96 -13.19
C GLY B 180 2.31 14.22 -14.68
N VAL B 181 3.23 13.54 -15.37
CA VAL B 181 3.31 13.67 -16.85
C VAL B 181 2.09 12.95 -17.46
N PRO B 182 1.39 13.52 -18.47
CA PRO B 182 0.32 12.76 -19.15
C PRO B 182 0.98 11.64 -19.96
N GLY B 183 0.78 10.42 -19.49
CA GLY B 183 1.45 9.24 -20.04
C GLY B 183 2.25 8.52 -18.96
N GLY B 184 2.66 9.24 -17.91
CA GLY B 184 3.41 8.67 -16.81
C GLY B 184 2.58 8.56 -15.54
N MET B 185 3.21 8.07 -14.48
CA MET B 185 2.51 7.90 -13.19
C MET B 185 2.11 9.27 -12.65
N SER B 186 0.91 9.39 -12.08
CA SER B 186 0.48 10.68 -11.52
C SER B 186 1.11 10.93 -10.15
N GLY B 187 0.95 12.15 -9.64
CA GLY B 187 1.51 12.50 -8.34
C GLY B 187 0.57 12.34 -7.16
N LYS B 188 -0.50 11.53 -7.31
CA LYS B 188 -1.41 11.36 -6.16
C LYS B 188 -0.66 10.71 -5.00
N PRO B 189 -1.02 11.08 -3.74
CA PRO B 189 -0.31 10.54 -2.56
C PRO B 189 -0.12 9.02 -2.58
N LYS B 190 -1.15 8.25 -2.99
CA LYS B 190 -1.02 6.78 -3.09
C LYS B 190 0.20 6.40 -3.93
N ASN B 191 0.44 7.12 -5.04
CA ASN B 191 1.52 6.79 -5.96
C ASN B 191 2.89 7.08 -5.39
N LEU B 192 3.05 8.25 -4.74
CA LEU B 192 4.37 8.56 -4.18
C LEU B 192 4.69 7.59 -3.03
N MET B 193 3.70 7.25 -2.20
CA MET B 193 3.90 6.29 -1.11
C MET B 193 4.29 4.92 -1.69
N TYR B 194 3.59 4.49 -2.74
CA TYR B 194 3.97 3.25 -3.40
C TYR B 194 5.41 3.32 -3.95
N MET B 195 5.75 4.41 -4.67
CA MET B 195 7.06 4.53 -5.30
C MET B 195 8.21 4.52 -4.29
N MET B 196 8.09 5.26 -3.17
CA MET B 196 9.22 5.24 -2.21
C MET B 196 9.37 3.85 -1.58
N GLU B 197 8.24 3.14 -1.36
CA GLU B 197 8.28 1.79 -0.77
C GLU B 197 8.84 0.78 -1.78
N HIS B 198 8.42 0.89 -3.04
CA HIS B 198 8.90 0.03 -4.13
C HIS B 198 10.41 0.24 -4.31
N LEU B 199 10.87 1.51 -4.32
CA LEU B 199 12.29 1.81 -4.42
C LEU B 199 13.06 1.22 -3.22
N LYS B 200 12.50 1.31 -1.98
CA LYS B 200 13.17 0.75 -0.79
C LYS B 200 13.34 -0.76 -0.93
N GLU B 201 12.36 -1.44 -1.54
CA GLU B 201 12.44 -2.89 -1.75
C GLU B 201 13.49 -3.25 -2.81
N GLU B 202 13.52 -2.50 -3.91
CA GLU B 202 14.35 -2.85 -5.05
C GLU B 202 15.79 -2.30 -5.01
N ILE B 203 15.97 -1.08 -4.44
CA ILE B 203 17.29 -0.42 -4.34
C ILE B 203 17.36 0.19 -2.92
N PRO B 204 17.63 -0.68 -1.93
CA PRO B 204 17.52 -0.25 -0.52
C PRO B 204 18.35 0.96 -0.10
N THR B 205 19.53 1.17 -0.70
CA THR B 205 20.38 2.33 -0.30
C THR B 205 20.12 3.61 -1.15
N ALA B 206 19.23 3.55 -2.13
CA ALA B 206 18.96 4.72 -2.96
C ALA B 206 18.30 5.84 -2.17
N THR B 207 18.65 7.08 -2.52
CA THR B 207 17.96 8.27 -1.99
C THR B 207 16.96 8.69 -3.07
N TRP B 208 16.03 9.59 -2.72
CA TRP B 208 15.09 10.01 -3.74
C TRP B 208 14.59 11.43 -3.54
N ALA B 209 14.16 12.02 -4.66
CA ALA B 209 13.49 13.31 -4.71
C ALA B 209 12.24 13.14 -5.53
N VAL B 210 11.30 14.10 -5.41
CA VAL B 210 10.11 14.03 -6.23
C VAL B 210 9.88 15.38 -6.91
N ALA B 211 9.42 15.33 -8.16
CA ALA B 211 8.94 16.47 -8.91
C ALA B 211 7.48 16.19 -9.23
N GLY B 212 6.60 17.11 -8.90
CA GLY B 212 5.18 16.96 -9.18
C GLY B 212 4.77 17.96 -10.22
N ILE B 213 4.45 17.47 -11.43
CA ILE B 213 4.08 18.34 -12.56
C ILE B 213 2.76 19.03 -12.27
N GLY B 214 2.70 20.32 -12.56
CA GLY B 214 1.47 21.08 -12.47
C GLY B 214 0.79 20.97 -11.11
N ARG B 215 -0.48 20.52 -11.12
CA ARG B 215 -1.29 20.39 -9.89
C ARG B 215 -0.73 19.41 -8.88
N TRP B 216 0.22 18.55 -9.28
CA TRP B 216 0.75 17.57 -8.34
C TRP B 216 1.90 18.12 -7.50
N HIS B 217 2.33 19.37 -7.76
CA HIS B 217 3.42 19.97 -6.98
C HIS B 217 3.14 19.95 -5.47
N ILE B 218 1.95 20.39 -5.04
CA ILE B 218 1.65 20.44 -3.61
C ILE B 218 1.57 19.05 -2.95
N PRO B 219 0.76 18.08 -3.43
CA PRO B 219 0.72 16.77 -2.74
C PRO B 219 2.08 16.09 -2.72
N THR B 220 2.83 16.11 -3.82
CA THR B 220 4.14 15.43 -3.79
C THR B 220 5.10 16.12 -2.79
N SER B 221 5.14 17.46 -2.77
CA SER B 221 6.04 18.18 -1.88
C SER B 221 5.75 17.89 -0.42
N LEU B 222 4.46 17.95 -0.02
CA LEU B 222 4.16 17.79 1.41
C LEU B 222 4.39 16.35 1.88
N ILE B 223 4.19 15.36 1.00
CA ILE B 223 4.44 13.95 1.35
CA ILE B 223 4.45 13.98 1.41
C ILE B 223 5.96 13.79 1.51
N ALA B 224 6.73 14.29 0.52
CA ALA B 224 8.20 14.17 0.59
C ALA B 224 8.74 14.84 1.88
N MET B 225 8.12 15.98 2.29
CA MET B 225 8.57 16.67 3.49
C MET B 225 8.64 15.79 4.70
N VAL B 226 7.63 14.91 4.87
CA VAL B 226 7.53 14.12 6.10
C VAL B 226 7.92 12.64 5.93
N THR B 227 8.48 12.27 4.76
CA THR B 227 8.91 10.91 4.52
C THR B 227 10.42 10.82 4.28
N GLY B 228 11.12 11.93 4.46
CA GLY B 228 12.57 11.99 4.27
C GLY B 228 13.01 12.22 2.84
N GLY B 229 12.06 12.35 1.92
CA GLY B 229 12.40 12.63 0.54
C GLY B 229 12.84 14.06 0.31
N HIS B 230 13.42 14.27 -0.87
CA HIS B 230 13.87 15.60 -1.31
C HIS B 230 12.90 16.11 -2.36
N ILE B 231 12.95 17.43 -2.65
CA ILE B 231 11.91 18.02 -3.50
C ILE B 231 12.50 18.85 -4.61
N ARG B 232 11.94 18.66 -5.80
CA ARG B 232 12.27 19.48 -6.95
C ARG B 232 11.08 20.36 -7.26
N CYS B 233 11.32 21.63 -7.57
CA CYS B 233 10.24 22.53 -7.96
C CYS B 233 10.74 23.36 -9.12
N GLY B 234 9.88 24.13 -9.75
CA GLY B 234 10.37 25.04 -10.79
C GLY B 234 9.57 25.00 -12.04
N PHE B 235 9.84 25.99 -12.92
CA PHE B 235 9.10 26.23 -14.15
C PHE B 235 9.18 25.10 -15.16
N GLU B 236 10.21 24.25 -15.09
CA GLU B 236 10.26 23.10 -15.97
C GLU B 236 9.02 22.22 -15.74
N ASP B 237 8.59 22.09 -14.46
CA ASP B 237 7.54 21.18 -14.05
C ASP B 237 6.21 21.86 -13.77
N ASN B 238 6.25 23.09 -13.26
CA ASN B 238 5.04 23.78 -12.85
C ASN B 238 5.22 25.26 -12.91
N ILE B 239 4.31 25.97 -13.59
CA ILE B 239 4.45 27.42 -13.73
C ILE B 239 3.51 28.19 -12.81
N PHE B 240 2.63 27.48 -12.07
CA PHE B 240 1.64 28.13 -11.22
C PHE B 240 1.98 28.11 -9.74
N TYR B 241 1.76 29.25 -9.06
CA TYR B 241 1.95 29.33 -7.61
C TYR B 241 0.72 28.74 -6.92
N HIS B 242 -0.47 29.08 -7.45
CA HIS B 242 -1.76 28.53 -7.05
C HIS B 242 -2.53 28.20 -8.31
N LYS B 243 -3.61 27.41 -8.22
CA LYS B 243 -4.45 27.13 -9.40
C LYS B 243 -4.86 28.47 -10.06
N GLY B 244 -4.53 28.63 -11.35
CA GLY B 244 -4.84 29.82 -12.13
C GLY B 244 -4.07 31.08 -11.77
N VAL B 245 -3.01 30.96 -10.93
CA VAL B 245 -2.18 32.10 -10.51
C VAL B 245 -0.74 31.79 -10.91
N ILE B 246 -0.21 32.45 -11.97
CA ILE B 246 1.16 32.09 -12.36
C ILE B 246 2.15 32.53 -11.31
N ALA B 247 3.21 31.73 -11.16
CA ALA B 247 4.32 32.05 -10.29
C ALA B 247 5.10 33.19 -10.91
N GLU B 248 5.66 34.07 -10.08
CA GLU B 248 6.42 35.22 -10.56
C GLU B 248 7.90 34.92 -10.81
N SER B 249 8.44 33.86 -10.20
CA SER B 249 9.82 33.42 -10.34
C SER B 249 9.97 32.01 -9.86
N ASN B 250 11.09 31.34 -10.22
CA ASN B 250 11.36 30.04 -9.64
C ASN B 250 11.63 30.19 -8.15
N ALA B 251 12.30 31.29 -7.74
CA ALA B 251 12.63 31.51 -6.33
C ALA B 251 11.35 31.61 -5.48
N GLN B 252 10.24 32.13 -6.05
CA GLN B 252 8.98 32.20 -5.30
C GLN B 252 8.50 30.78 -4.91
N LEU B 253 8.63 29.83 -5.84
CA LEU B 253 8.24 28.45 -5.58
C LEU B 253 9.16 27.79 -4.54
N VAL B 254 10.47 28.03 -4.64
CA VAL B 254 11.46 27.50 -3.69
C VAL B 254 11.17 28.02 -2.29
N ALA B 255 10.96 29.36 -2.20
CA ALA B 255 10.74 30.00 -0.90
C ALA B 255 9.54 29.43 -0.16
N ARG B 256 8.43 29.05 -0.87
CA ARG B 256 7.30 28.46 -0.16
C ARG B 256 7.71 27.15 0.50
N LEU B 257 8.45 26.30 -0.21
CA LEU B 257 8.91 25.03 0.35
C LEU B 257 9.82 25.26 1.55
N ALA B 258 10.71 26.26 1.44
CA ALA B 258 11.62 26.59 2.54
C ALA B 258 10.81 27.07 3.76
N ARG B 259 9.75 27.85 3.54
CA ARG B 259 8.92 28.32 4.68
C ARG B 259 8.21 27.15 5.35
N ILE B 260 7.69 26.19 4.56
CA ILE B 260 7.00 25.04 5.14
C ILE B 260 7.99 24.19 5.92
N ALA B 261 9.19 23.96 5.38
CA ALA B 261 10.22 23.21 6.09
C ALA B 261 10.58 23.90 7.42
N LYS B 262 10.70 25.24 7.43
CA LYS B 262 10.97 25.98 8.67
C LYS B 262 9.81 25.81 9.68
N GLU B 263 8.55 25.89 9.19
CA GLU B 263 7.39 25.70 10.05
C GLU B 263 7.43 24.36 10.78
N ILE B 264 7.74 23.27 10.05
CA ILE B 264 7.68 21.92 10.63
C ILE B 264 8.99 21.48 11.30
N GLY B 265 10.03 22.30 11.19
CA GLY B 265 11.30 22.01 11.82
C GLY B 265 12.18 21.05 11.06
N ARG B 266 12.01 20.96 9.71
CA ARG B 266 12.91 20.15 8.89
C ARG B 266 14.00 21.06 8.37
N PRO B 267 15.26 20.85 8.77
CA PRO B 267 16.31 21.78 8.32
C PRO B 267 16.59 21.64 6.85
N LEU B 268 16.96 22.76 6.22
CA LEU B 268 17.42 22.71 4.83
C LEU B 268 18.88 22.27 4.85
N ALA B 269 19.25 21.39 3.93
CA ALA B 269 20.63 20.94 3.82
C ALA B 269 21.54 22.11 3.52
N THR B 270 22.71 22.12 4.14
CA THR B 270 23.72 23.10 3.76
C THR B 270 24.31 22.61 2.42
N PRO B 271 25.07 23.42 1.68
CA PRO B 271 25.72 22.90 0.47
C PRO B 271 26.60 21.66 0.78
N GLU B 272 27.33 21.65 1.92
CA GLU B 272 28.17 20.51 2.33
C GLU B 272 27.31 19.26 2.56
N GLN B 273 26.18 19.41 3.28
CA GLN B 273 25.27 18.29 3.56
C GLN B 273 24.67 17.76 2.27
N ALA B 274 24.28 18.65 1.33
CA ALA B 274 23.69 18.23 0.05
C ALA B 274 24.71 17.38 -0.75
N ARG B 275 25.99 17.84 -0.78
CA ARG B 275 27.03 17.07 -1.47
C ARG B 275 27.28 15.71 -0.81
N GLU B 276 27.18 15.63 0.53
CA GLU B 276 27.36 14.39 1.26
C GLU B 276 26.20 13.41 0.98
N ILE B 277 24.94 13.93 1.07
CA ILE B 277 23.75 13.08 0.84
C ILE B 277 23.77 12.50 -0.57
N LEU B 278 24.12 13.35 -1.55
CA LEU B 278 24.12 12.99 -2.96
C LEU B 278 25.43 12.29 -3.40
N ALA B 279 26.36 12.10 -2.45
CA ALA B 279 27.64 11.39 -2.65
C ALA B 279 28.43 12.03 -3.82
N LEU B 280 28.58 13.37 -3.77
CA LEU B 280 29.27 14.15 -4.82
C LEU B 280 30.74 14.39 -4.50
N ASN B 281 31.17 14.07 -3.27
CA ASN B 281 32.56 14.28 -2.87
C ASN B 281 33.51 13.24 -3.48
N HIS C 6 -6.42 18.86 -1.99
CA HIS C 6 -5.93 19.92 -1.11
C HIS C 6 -6.67 21.24 -1.36
N HIS C 7 -7.88 21.20 -1.96
CA HIS C 7 -8.70 22.40 -2.21
C HIS C 7 -10.03 22.34 -1.43
N GLU C 8 -10.36 21.15 -0.87
CA GLU C 8 -11.56 20.89 -0.05
C GLU C 8 -11.37 21.61 1.30
N PRO C 9 -12.43 22.19 1.94
CA PRO C 9 -12.20 22.91 3.20
C PRO C 9 -11.57 22.05 4.30
N LEU C 10 -10.72 22.67 5.11
CA LEU C 10 -10.03 21.99 6.19
C LEU C 10 -10.62 22.35 7.54
N ILE C 11 -10.98 21.34 8.32
CA ILE C 11 -11.47 21.53 9.69
C ILE C 11 -10.32 21.26 10.65
N LEU C 12 -9.99 22.25 11.45
CA LEU C 12 -8.99 22.12 12.49
C LEU C 12 -9.68 21.98 13.85
N THR C 13 -9.32 20.93 14.60
CA THR C 13 -9.83 20.69 15.94
C THR C 13 -8.74 20.97 16.94
N ALA C 14 -9.05 21.70 18.02
CA ALA C 14 -8.08 21.94 19.08
C ALA C 14 -8.47 21.10 20.30
N ALA C 15 -7.63 20.11 20.66
CA ALA C 15 -7.85 19.25 21.84
C ALA C 15 -7.00 19.88 22.94
N ILE C 16 -7.58 20.87 23.62
CA ILE C 16 -6.82 21.83 24.41
C ILE C 16 -6.32 21.38 25.78
N THR C 17 -6.95 20.36 26.40
CA THR C 17 -6.61 20.02 27.78
C THR C 17 -6.31 18.53 27.98
N GLY C 18 -7.25 17.68 27.60
CA GLY C 18 -7.06 16.23 27.76
C GLY C 18 -7.19 15.77 29.18
N ALA C 19 -7.01 14.47 29.40
CA ALA C 19 -7.16 13.88 30.72
C ALA C 19 -5.82 13.61 31.42
N GLU C 20 -4.72 13.65 30.68
CA GLU C 20 -3.41 13.23 31.21
C GLU C 20 -2.34 14.31 31.29
N THR C 21 -2.33 15.27 30.33
CA THR C 21 -1.30 16.31 30.30
C THR C 21 -1.23 17.08 31.61
N THR C 22 0.01 17.31 32.11
CA THR C 22 0.20 18.01 33.37
C THR C 22 0.76 19.41 33.19
N ARG C 23 0.47 20.29 34.15
CA ARG C 23 1.03 21.65 34.19
C ARG C 23 2.54 21.63 34.43
N ALA C 24 3.05 20.56 35.10
CA ALA C 24 4.51 20.43 35.34
C ALA C 24 5.24 20.34 34.01
N ASP C 25 4.65 19.59 33.05
CA ASP C 25 5.24 19.44 31.72
C ASP C 25 4.90 20.59 30.79
N GLN C 26 3.65 21.09 30.90
CA GLN C 26 3.15 22.13 30.01
C GLN C 26 2.49 23.24 30.86
N PRO C 27 3.29 24.24 31.30
CA PRO C 27 2.74 25.31 32.16
C PRO C 27 1.62 26.15 31.55
N ASN C 28 1.45 26.09 30.21
CA ASN C 28 0.41 26.85 29.52
C ASN C 28 -0.88 26.07 29.38
N LEU C 29 -0.95 24.88 30.00
CA LEU C 29 -2.15 24.04 29.91
C LEU C 29 -3.40 24.77 30.48
N PRO C 30 -4.47 24.96 29.68
CA PRO C 30 -5.70 25.56 30.26
C PRO C 30 -6.44 24.53 31.11
N ILE C 31 -6.75 24.88 32.37
CA ILE C 31 -7.37 23.95 33.31
C ILE C 31 -8.73 24.45 33.76
N THR C 32 -8.89 25.75 33.94
CA THR C 32 -10.16 26.28 34.42
C THR C 32 -11.09 26.64 33.26
N PRO C 33 -12.42 26.70 33.51
CA PRO C 33 -13.35 27.14 32.44
C PRO C 33 -12.95 28.48 31.82
N GLU C 34 -12.52 29.48 32.65
CA GLU C 34 -12.08 30.79 32.14
C GLU C 34 -10.86 30.63 31.20
N GLU C 35 -9.86 29.82 31.61
CA GLU C 35 -8.68 29.56 30.77
C GLU C 35 -9.06 28.84 29.49
N GLN C 36 -9.98 27.85 29.59
CA GLN C 36 -10.41 27.07 28.42
C GLN C 36 -11.16 27.96 27.43
N ALA C 37 -11.96 28.94 27.93
CA ALA C 37 -12.68 29.86 27.05
C ALA C 37 -11.70 30.78 26.31
N LYS C 38 -10.69 31.32 27.04
CA LYS C 38 -9.69 32.21 26.43
C LYS C 38 -8.92 31.46 25.37
N GLU C 39 -8.52 30.19 25.66
CA GLU C 39 -7.82 29.38 24.68
C GLU C 39 -8.71 29.06 23.48
N ALA C 40 -10.00 28.72 23.71
CA ALA C 40 -10.93 28.41 22.63
C ALA C 40 -11.07 29.61 21.67
N LYS C 41 -11.17 30.84 22.23
CA LYS C 41 -11.27 32.03 21.39
C LYS C 41 -10.00 32.23 20.55
N ALA C 42 -8.83 32.12 21.19
CA ALA C 42 -7.55 32.25 20.46
C ALA C 42 -7.43 31.17 19.37
N CYS C 43 -7.86 29.92 19.68
CA CYS C 43 -7.81 28.84 18.70
C CYS C 43 -8.73 29.10 17.54
N PHE C 44 -9.96 29.57 17.83
CA PHE C 44 -10.93 29.88 16.78
C PHE C 44 -10.37 30.97 15.85
N GLU C 45 -9.77 32.01 16.43
CA GLU C 45 -9.20 33.11 15.62
C GLU C 45 -8.04 32.62 14.78
N ALA C 46 -7.31 31.59 15.25
CA ALA C 46 -6.17 31.00 14.54
C ALA C 46 -6.62 30.01 13.45
N GLY C 47 -7.90 29.63 13.43
CA GLY C 47 -8.43 28.75 12.40
C GLY C 47 -9.18 27.50 12.87
N ALA C 48 -9.22 27.23 14.19
CA ALA C 48 -9.93 26.02 14.67
C ALA C 48 -11.45 26.21 14.59
N ARG C 49 -12.17 25.12 14.25
CA ARG C 49 -13.63 25.20 14.15
C ARG C 49 -14.28 24.29 15.18
N VAL C 50 -13.48 23.39 15.80
CA VAL C 50 -13.96 22.46 16.82
C VAL C 50 -13.06 22.52 18.02
N ILE C 51 -13.64 22.42 19.23
CA ILE C 51 -12.85 22.24 20.46
C ILE C 51 -13.16 20.86 20.98
N HIS C 52 -12.14 20.04 21.18
CA HIS C 52 -12.28 18.69 21.77
C HIS C 52 -11.99 18.92 23.24
N LEU C 53 -13.04 18.83 24.07
CA LEU C 53 -12.99 19.27 25.45
C LEU C 53 -13.03 18.19 26.52
N HIS C 54 -12.01 18.23 27.40
CA HIS C 54 -11.97 17.53 28.69
C HIS C 54 -11.97 18.61 29.75
N ILE C 55 -12.53 18.31 30.93
CA ILE C 55 -12.53 19.29 32.03
C ILE C 55 -11.60 18.84 33.17
N ARG C 56 -11.16 19.82 33.95
CA ARG C 56 -10.28 19.61 35.10
C ARG C 56 -10.77 20.36 36.29
N GLU C 57 -10.42 19.90 37.50
CA GLU C 57 -10.65 20.68 38.72
C GLU C 57 -9.58 21.76 38.79
N ASP C 58 -9.72 22.77 39.67
CA ASP C 58 -8.72 23.85 39.77
C ASP C 58 -7.30 23.34 40.10
N ASP C 59 -7.18 22.16 40.76
CA ASP C 59 -5.86 21.61 41.09
C ASP C 59 -5.28 20.80 39.92
N GLY C 60 -6.00 20.76 38.81
CA GLY C 60 -5.57 20.07 37.61
C GLY C 60 -5.97 18.61 37.49
N ARG C 61 -6.64 18.03 38.51
CA ARG C 61 -7.04 16.62 38.37
C ARG C 61 -8.24 16.48 37.39
N PRO C 62 -8.38 15.34 36.70
CA PRO C 62 -9.53 15.19 35.79
C PRO C 62 -10.86 15.31 36.52
N SER C 63 -11.84 15.87 35.83
CA SER C 63 -13.17 16.05 36.39
C SER C 63 -14.23 15.43 35.48
N GLN C 64 -15.33 15.02 36.09
CA GLN C 64 -16.51 14.52 35.41
C GLN C 64 -17.75 15.24 35.95
N ARG C 65 -17.54 16.27 36.82
CA ARG C 65 -18.65 17.00 37.46
C ARG C 65 -19.50 17.71 36.42
N LEU C 66 -20.81 17.43 36.44
CA LEU C 66 -21.77 18.06 35.52
C LEU C 66 -21.68 19.60 35.57
N ASP C 67 -21.62 20.19 36.79
CA ASP C 67 -21.53 21.64 36.97
C ASP C 67 -20.25 22.20 36.34
N ARG C 68 -19.15 21.43 36.38
CA ARG C 68 -17.88 21.85 35.80
C ARG C 68 -17.97 21.82 34.26
N PHE C 69 -18.64 20.80 33.70
CA PHE C 69 -18.86 20.75 32.25
C PHE C 69 -19.74 21.93 31.82
N GLN C 70 -20.77 22.26 32.61
CA GLN C 70 -21.67 23.38 32.32
C GLN C 70 -20.89 24.69 32.32
N GLU C 71 -20.01 24.89 33.34
CA GLU C 71 -19.20 26.10 33.45
C GLU C 71 -18.27 26.23 32.24
N ALA C 72 -17.61 25.13 31.83
CA ALA C 72 -16.69 25.19 30.69
C ALA C 72 -17.41 25.40 29.37
N ILE C 73 -18.50 24.64 29.12
CA ILE C 73 -19.25 24.76 27.86
C ILE C 73 -19.86 26.16 27.74
N SER C 74 -20.49 26.66 28.82
CA SER C 74 -21.08 28.00 28.83
C SER C 74 -20.02 29.09 28.60
N ALA C 75 -18.84 28.96 29.24
CA ALA C 75 -17.76 29.96 29.10
C ALA C 75 -17.26 30.00 27.66
N ILE C 76 -17.09 28.82 27.04
CA ILE C 76 -16.61 28.77 25.65
C ILE C 76 -17.67 29.35 24.70
N ARG C 77 -18.93 28.93 24.84
CA ARG C 77 -20.03 29.40 23.97
C ARG C 77 -20.26 30.91 24.10
N GLU C 78 -20.00 31.47 25.28
CA GLU C 78 -20.14 32.91 25.46
C GLU C 78 -19.14 33.69 24.59
N VAL C 79 -17.88 33.22 24.50
CA VAL C 79 -16.84 33.96 23.78
C VAL C 79 -16.72 33.54 22.31
N VAL C 80 -17.08 32.28 21.97
CA VAL C 80 -17.02 31.77 20.59
CA VAL C 80 -17.02 31.81 20.58
C VAL C 80 -18.30 30.98 20.29
N PRO C 81 -19.47 31.65 20.15
CA PRO C 81 -20.72 30.91 19.91
C PRO C 81 -20.75 30.10 18.62
N GLU C 82 -19.87 30.43 17.66
CA GLU C 82 -19.84 29.67 16.40
C GLU C 82 -19.02 28.39 16.51
N ILE C 83 -18.28 28.20 17.61
CA ILE C 83 -17.46 27.01 17.81
C ILE C 83 -18.30 25.72 17.90
N ILE C 84 -17.71 24.61 17.46
CA ILE C 84 -18.35 23.32 17.64
C ILE C 84 -17.73 22.68 18.90
N ILE C 85 -18.57 22.27 19.87
CA ILE C 85 -18.07 21.67 21.11
C ILE C 85 -18.19 20.19 20.99
N GLN C 86 -17.06 19.52 21.23
CA GLN C 86 -16.98 18.08 21.18
C GLN C 86 -16.49 17.62 22.56
N ILE C 87 -17.36 17.00 23.37
CA ILE C 87 -16.92 16.63 24.71
C ILE C 87 -16.51 15.18 24.84
N SER C 88 -15.64 14.92 25.80
CA SER C 88 -15.25 13.57 26.19
C SER C 88 -15.81 13.35 27.60
N THR C 89 -16.80 12.46 27.77
CA THR C 89 -17.45 12.30 29.08
C THR C 89 -16.83 11.18 29.94
N GLY C 90 -15.86 10.46 29.36
CA GLY C 90 -15.11 9.34 29.93
C GLY C 90 -15.15 9.15 31.43
N ASP C 98 -23.25 4.91 34.34
CA ASP C 98 -24.42 5.41 33.62
C ASP C 98 -24.72 6.89 33.97
N LYS C 99 -23.88 7.50 34.83
CA LYS C 99 -23.99 8.90 35.27
C LYS C 99 -23.04 9.79 34.45
N ARG C 100 -22.34 9.17 33.47
CA ARG C 100 -21.40 9.80 32.53
C ARG C 100 -22.17 10.41 31.32
N LEU C 101 -23.48 10.19 31.28
CA LEU C 101 -24.40 10.70 30.26
C LEU C 101 -24.93 12.09 30.62
N ALA C 102 -24.90 12.45 31.92
CA ALA C 102 -25.39 13.74 32.42
C ALA C 102 -24.92 14.95 31.58
N PRO C 103 -23.64 15.09 31.16
CA PRO C 103 -23.23 16.27 30.38
C PRO C 103 -23.86 16.38 28.97
N LEU C 104 -24.41 15.28 28.43
CA LEU C 104 -25.05 15.29 27.10
C LEU C 104 -26.29 16.19 27.12
N ALA C 105 -26.87 16.43 28.30
CA ALA C 105 -28.03 17.32 28.47
C ALA C 105 -27.63 18.80 28.24
N LEU C 106 -26.30 19.08 28.22
CA LEU C 106 -25.77 20.44 27.98
C LEU C 106 -25.70 20.73 26.48
N LYS C 107 -26.23 19.80 25.66
CA LYS C 107 -26.35 19.92 24.20
C LYS C 107 -25.00 20.18 23.50
N PRO C 108 -23.95 19.36 23.76
CA PRO C 108 -22.73 19.50 22.96
C PRO C 108 -23.08 19.07 21.53
N GLU C 109 -22.42 19.60 20.50
CA GLU C 109 -22.78 19.14 19.17
C GLU C 109 -22.30 17.74 18.94
N MET C 110 -21.19 17.39 19.58
CA MET C 110 -20.55 16.08 19.42
C MET C 110 -20.01 15.54 20.72
N ALA C 111 -19.80 14.22 20.78
CA ALA C 111 -19.19 13.59 21.95
C ALA C 111 -18.36 12.41 21.51
N THR C 112 -17.26 12.17 22.23
CA THR C 112 -16.34 11.08 21.88
C THR C 112 -16.94 9.70 22.08
N LEU C 113 -16.80 8.84 21.06
CA LEU C 113 -17.18 7.45 21.14
C LEU C 113 -15.91 6.63 20.86
N ASN C 114 -15.36 5.95 21.88
CA ASN C 114 -14.16 5.13 21.67
C ASN C 114 -14.57 3.83 21.01
N ALA C 115 -13.90 3.46 19.93
CA ALA C 115 -14.33 2.31 19.13
C ALA C 115 -13.75 0.97 19.56
N GLY C 116 -12.90 0.96 20.59
CA GLY C 116 -12.32 -0.30 21.01
C GLY C 116 -11.41 -0.17 22.20
N THR C 117 -10.84 -1.31 22.59
CA THR C 117 -9.90 -1.41 23.71
C THR C 117 -8.49 -1.55 23.18
N LEU C 118 -7.53 -0.96 23.88
CA LEU C 118 -6.13 -1.20 23.54
C LEU C 118 -5.25 -1.03 24.72
N ASN C 119 -4.09 -1.74 24.70
CA ASN C 119 -3.03 -1.46 25.66
C ASN C 119 -2.61 -0.02 25.39
N PHE C 120 -2.36 0.75 26.44
CA PHE C 120 -2.14 2.19 26.33
C PHE C 120 -1.08 2.56 27.33
N GLY C 121 0.17 2.62 26.85
CA GLY C 121 1.31 2.80 27.74
C GLY C 121 1.45 1.55 28.60
N ASP C 122 1.74 1.69 29.89
CA ASP C 122 1.82 0.52 30.79
C ASP C 122 0.47 0.36 31.51
N ASP C 123 -0.60 0.31 30.73
CA ASP C 123 -1.97 0.24 31.22
C ASP C 123 -2.83 -0.26 30.08
N ILE C 124 -4.13 -0.33 30.32
CA ILE C 124 -5.10 -0.74 29.31
C ILE C 124 -6.24 0.27 29.30
N PHE C 125 -6.59 0.75 28.10
CA PHE C 125 -7.73 1.65 27.91
C PHE C 125 -8.92 0.77 27.48
N ILE C 126 -9.80 0.48 28.45
CA ILE C 126 -10.90 -0.45 28.26
C ILE C 126 -12.16 0.22 27.74
N ASN C 127 -12.71 -0.33 26.64
CA ASN C 127 -14.00 0.12 26.08
C ASN C 127 -14.74 -1.14 25.68
N HIS C 128 -15.42 -1.73 26.65
CA HIS C 128 -16.12 -3.01 26.44
C HIS C 128 -17.14 -2.91 25.31
N PRO C 129 -17.25 -3.94 24.43
CA PRO C 129 -18.24 -3.89 23.34
C PRO C 129 -19.66 -3.48 23.77
N ALA C 130 -20.13 -3.95 24.94
CA ALA C 130 -21.48 -3.61 25.42
C ALA C 130 -21.58 -2.15 25.81
N ASP C 131 -20.47 -1.56 26.35
CA ASP C 131 -20.45 -0.16 26.74
C ASP C 131 -20.35 0.76 25.52
N ILE C 132 -19.65 0.31 24.44
CA ILE C 132 -19.61 1.10 23.20
C ILE C 132 -21.07 1.19 22.68
N ILE C 133 -21.79 0.05 22.65
CA ILE C 133 -23.18 0.05 22.18
C ILE C 133 -24.05 0.96 23.06
N ARG C 134 -23.97 0.81 24.39
CA ARG C 134 -24.76 1.62 25.34
C ARG C 134 -24.51 3.14 25.12
N LEU C 135 -23.24 3.54 24.92
CA LEU C 135 -22.91 4.95 24.69
C LEU C 135 -23.43 5.42 23.34
N ALA C 136 -23.24 4.63 22.26
CA ALA C 136 -23.75 4.97 20.95
C ALA C 136 -25.26 5.21 20.98
N GLU C 137 -25.99 4.37 21.72
CA GLU C 137 -27.46 4.47 21.86
C GLU C 137 -27.85 5.71 22.65
N ALA C 138 -27.10 6.05 23.72
CA ALA C 138 -27.36 7.25 24.52
C ALA C 138 -27.12 8.53 23.72
N PHE C 139 -26.11 8.57 22.82
CA PHE C 139 -25.84 9.75 21.99
C PHE C 139 -27.04 10.04 21.08
N LYS C 140 -27.66 8.97 20.54
CA LYS C 140 -28.86 9.09 19.69
C LYS C 140 -30.03 9.67 20.49
N GLN C 141 -30.21 9.22 21.74
CA GLN C 141 -31.32 9.70 22.58
C GLN C 141 -31.18 11.20 22.89
N TYR C 142 -29.93 11.65 23.09
CA TYR C 142 -29.63 13.06 23.40
C TYR C 142 -29.38 13.93 22.15
N ASN C 143 -29.48 13.36 20.92
CA ASN C 143 -29.25 14.07 19.64
C ASN C 143 -27.83 14.65 19.59
N VAL C 144 -26.85 13.86 20.03
CA VAL C 144 -25.43 14.26 20.03
C VAL C 144 -24.74 13.41 18.95
N VAL C 145 -23.93 14.05 18.08
CA VAL C 145 -23.27 13.34 16.99
C VAL C 145 -21.98 12.70 17.51
N PRO C 146 -21.71 11.43 17.20
CA PRO C 146 -20.48 10.84 17.72
C PRO C 146 -19.25 11.29 16.94
N GLU C 147 -18.14 11.38 17.69
CA GLU C 147 -16.80 11.59 17.18
C GLU C 147 -16.11 10.27 17.47
N VAL C 148 -15.99 9.38 16.47
CA VAL C 148 -15.58 8.00 16.70
C VAL C 148 -14.05 7.86 16.70
N GLU C 149 -13.46 7.61 17.88
CA GLU C 149 -12.00 7.52 18.02
C GLU C 149 -11.52 6.10 17.69
N VAL C 150 -10.64 6.02 16.67
CA VAL C 150 -10.11 4.76 16.14
C VAL C 150 -8.58 4.76 16.32
N TYR C 151 -8.03 3.69 16.91
CA TYR C 151 -6.59 3.58 17.18
C TYR C 151 -5.93 2.45 16.39
N GLU C 152 -6.73 1.59 15.75
CA GLU C 152 -6.28 0.39 15.05
C GLU C 152 -7.21 0.04 13.90
N SER C 153 -6.70 -0.73 12.93
CA SER C 153 -7.47 -1.17 11.76
C SER C 153 -8.76 -1.90 12.15
N GLY C 154 -8.67 -2.82 13.11
CA GLY C 154 -9.81 -3.61 13.55
C GLY C 154 -10.96 -2.79 14.11
N MET C 155 -10.66 -1.58 14.63
CA MET C 155 -11.72 -0.73 15.14
C MET C 155 -12.58 -0.18 14.02
N VAL C 156 -12.03 0.02 12.80
CA VAL C 156 -12.84 0.44 11.65
C VAL C 156 -13.85 -0.68 11.33
N ASP C 157 -13.41 -1.95 11.30
CA ASP C 157 -14.36 -3.05 11.03
C ASP C 157 -15.40 -3.17 12.13
N ALA C 158 -14.99 -2.95 13.39
CA ALA C 158 -15.93 -3.04 14.53
C ALA C 158 -17.01 -1.95 14.38
N VAL C 159 -16.60 -0.73 13.97
CA VAL C 159 -17.58 0.35 13.74
C VAL C 159 -18.50 -0.02 12.56
N ALA C 160 -17.94 -0.55 11.46
CA ALA C 160 -18.76 -0.96 10.31
C ALA C 160 -19.80 -2.02 10.73
N ARG C 161 -19.46 -2.93 11.68
CA ARG C 161 -20.38 -3.97 12.21
C ARG C 161 -21.54 -3.28 12.97
N LEU C 162 -21.20 -2.23 13.78
CA LEU C 162 -22.22 -1.47 14.52
C LEU C 162 -23.14 -0.69 13.58
N ILE C 163 -22.63 -0.22 12.44
CA ILE C 163 -23.46 0.44 11.42
C ILE C 163 -24.43 -0.59 10.83
N LYS C 164 -23.91 -1.77 10.47
CA LYS C 164 -24.74 -2.85 9.89
C LYS C 164 -25.89 -3.27 10.85
N LYS C 165 -25.62 -3.33 12.15
CA LYS C 165 -26.63 -3.65 13.18
C LYS C 165 -27.61 -2.49 13.45
N GLY C 166 -27.35 -1.29 12.91
CA GLY C 166 -28.22 -0.14 13.10
C GLY C 166 -28.07 0.54 14.45
N ILE C 167 -26.89 0.33 15.07
CA ILE C 167 -26.55 0.91 16.38
C ILE C 167 -25.92 2.26 16.13
N ILE C 168 -24.88 2.33 15.28
CA ILE C 168 -24.29 3.61 14.87
C ILE C 168 -25.02 3.98 13.58
N THR C 169 -25.83 5.04 13.61
CA THR C 169 -26.60 5.37 12.41
C THR C 169 -26.23 6.73 11.79
N GLN C 170 -25.28 7.46 12.38
CA GLN C 170 -24.86 8.75 11.84
C GLN C 170 -24.29 8.54 10.43
N ASN C 171 -24.72 9.35 9.43
CA ASN C 171 -24.20 9.24 8.06
C ASN C 171 -24.26 10.62 7.36
N PRO C 172 -23.11 11.23 6.95
CA PRO C 172 -21.71 10.74 7.05
C PRO C 172 -21.15 10.71 8.48
N LEU C 173 -20.63 9.55 8.89
CA LEU C 173 -20.00 9.34 10.18
C LEU C 173 -18.61 9.97 10.21
N HIS C 174 -18.20 10.54 11.35
CA HIS C 174 -16.89 11.15 11.45
C HIS C 174 -15.97 10.30 12.28
N ILE C 175 -14.85 9.90 11.68
CA ILE C 175 -13.85 9.08 12.32
C ILE C 175 -12.66 9.94 12.71
N GLN C 176 -12.25 9.85 13.96
CA GLN C 176 -11.06 10.54 14.45
C GLN C 176 -9.97 9.47 14.63
N PHE C 177 -9.01 9.40 13.72
CA PHE C 177 -7.87 8.49 13.91
C PHE C 177 -6.98 9.08 14.98
N VAL C 178 -6.56 8.25 15.93
CA VAL C 178 -5.66 8.69 17.00
C VAL C 178 -4.44 7.81 16.85
N LEU C 179 -3.36 8.38 16.28
CA LEU C 179 -2.18 7.60 15.96
C LEU C 179 -0.98 8.02 16.80
N GLY C 180 -0.21 7.03 17.23
CA GLY C 180 0.99 7.33 18.01
C GLY C 180 0.90 6.98 19.48
N VAL C 181 -0.21 6.34 19.89
CA VAL C 181 -0.31 5.87 21.28
C VAL C 181 0.60 4.62 21.44
N PRO C 182 1.41 4.50 22.53
CA PRO C 182 2.19 3.25 22.73
C PRO C 182 1.21 2.12 23.05
N GLY C 183 1.05 1.21 22.11
CA GLY C 183 0.05 0.16 22.17
C GLY C 183 -0.90 0.22 20.98
N GLY C 184 -1.02 1.40 20.37
CA GLY C 184 -1.88 1.58 19.21
C GLY C 184 -1.06 1.77 17.94
N MET C 185 -1.76 2.00 16.83
CA MET C 185 -1.11 2.20 15.54
C MET C 185 -0.29 3.49 15.56
N SER C 186 0.94 3.47 15.00
CA SER C 186 1.76 4.69 14.97
C SER C 186 1.27 5.65 13.87
N GLY C 187 1.80 6.86 13.89
CA GLY C 187 1.46 7.88 12.91
C GLY C 187 2.35 7.93 11.70
N LYS C 188 3.12 6.84 11.42
CA LYS C 188 3.98 6.91 10.23
C LYS C 188 3.11 7.03 8.96
N PRO C 189 3.61 7.76 7.94
CA PRO C 189 2.81 7.99 6.73
C PRO C 189 2.19 6.72 6.13
N LYS C 190 2.93 5.60 6.11
CA LYS C 190 2.35 4.33 5.58
C LYS C 190 1.04 4.00 6.29
N ASN C 191 0.98 4.23 7.63
CA ASN C 191 -0.19 3.89 8.42
C ASN C 191 -1.38 4.79 8.15
N LEU C 192 -1.16 6.10 8.05
CA LEU C 192 -2.28 7.00 7.77
C LEU C 192 -2.83 6.75 6.34
N MET C 193 -1.94 6.51 5.36
CA MET C 193 -2.39 6.19 4.01
C MET C 193 -3.21 4.89 4.00
N TYR C 194 -2.74 3.86 4.72
CA TYR C 194 -3.49 2.62 4.83
C TYR C 194 -4.86 2.89 5.48
N MET C 195 -4.90 3.62 6.60
CA MET C 195 -6.12 3.86 7.34
C MET C 195 -7.17 4.59 6.54
N MET C 196 -6.79 5.66 5.79
CA MET C 196 -7.81 6.38 5.03
C MET C 196 -8.37 5.47 3.91
N GLU C 197 -7.50 4.61 3.31
CA GLU C 197 -7.94 3.73 2.22
C GLU C 197 -8.83 2.62 2.76
N HIS C 198 -8.43 2.06 3.92
CA HIS C 198 -9.20 1.03 4.61
C HIS C 198 -10.58 1.58 5.00
N LEU C 199 -10.62 2.79 5.60
CA LEU C 199 -11.90 3.42 5.94
C LEU C 199 -12.77 3.65 4.67
N LYS C 200 -12.17 4.08 3.54
CA LYS C 200 -12.93 4.30 2.31
C LYS C 200 -13.56 2.99 1.82
N GLU C 201 -12.86 1.87 1.99
CA GLU C 201 -13.37 0.56 1.59
C GLU C 201 -14.52 0.11 2.50
N GLU C 202 -14.36 0.31 3.82
CA GLU C 202 -15.32 -0.24 4.81
C GLU C 202 -16.50 0.67 5.13
N ILE C 203 -16.30 2.00 5.13
CA ILE C 203 -17.35 2.98 5.44
C ILE C 203 -17.19 4.09 4.41
N PRO C 204 -17.66 3.85 3.16
CA PRO C 204 -17.39 4.78 2.05
C PRO C 204 -17.78 6.25 2.24
N THR C 205 -18.83 6.53 3.02
CA THR C 205 -19.29 7.91 3.17
C THR C 205 -18.68 8.59 4.40
N ALA C 206 -17.89 7.85 5.23
CA ALA C 206 -17.30 8.45 6.42
C ALA C 206 -16.29 9.53 6.08
N THR C 207 -16.25 10.58 6.92
CA THR C 207 -15.20 11.60 6.86
C THR C 207 -14.17 11.23 7.93
N TRP C 208 -12.99 11.85 7.89
CA TRP C 208 -12.00 11.54 8.90
C TRP C 208 -11.10 12.70 9.24
N ALA C 209 -10.58 12.65 10.45
CA ALA C 209 -9.57 13.55 10.96
C ALA C 209 -8.45 12.70 11.54
N VAL C 210 -7.29 13.29 11.73
CA VAL C 210 -6.19 12.57 12.37
C VAL C 210 -5.59 13.39 13.50
N ALA C 211 -5.22 12.69 14.58
CA ALA C 211 -4.46 13.24 15.70
C ALA C 211 -3.18 12.44 15.77
N GLY C 212 -2.06 13.12 15.78
CA GLY C 212 -0.75 12.46 15.85
C GLY C 212 -0.12 12.79 17.17
N ILE C 213 -0.03 11.78 18.05
CA ILE C 213 0.52 12.00 19.40
C ILE C 213 2.01 12.34 19.32
N GLY C 214 2.43 13.35 20.10
CA GLY C 214 3.83 13.72 20.22
C GLY C 214 4.51 13.93 18.88
N ARG C 215 5.58 13.15 18.62
CA ARG C 215 6.38 13.27 17.41
C ARG C 215 5.59 12.99 16.11
N TRP C 216 4.42 12.36 16.21
CA TRP C 216 3.68 12.05 14.98
C TRP C 216 2.78 13.21 14.53
N HIS C 217 2.74 14.33 15.29
CA HIS C 217 1.88 15.44 14.91
C HIS C 217 2.23 15.96 13.50
N ILE C 218 3.53 16.20 13.20
CA ILE C 218 3.89 16.76 11.88
C ILE C 218 3.59 15.76 10.72
N PRO C 219 4.07 14.50 10.72
CA PRO C 219 3.74 13.63 9.58
C PRO C 219 2.24 13.42 9.38
N THR C 220 1.46 13.23 10.46
CA THR C 220 0.00 13.03 10.25
C THR C 220 -0.64 14.29 9.67
N SER C 221 -0.26 15.48 10.20
CA SER C 221 -0.87 16.73 9.72
C SER C 221 -0.59 16.99 8.26
N LEU C 222 0.65 16.82 7.82
CA LEU C 222 0.97 17.15 6.44
C LEU C 222 0.37 16.16 5.44
N ILE C 223 0.22 14.89 5.84
CA ILE C 223 -0.42 13.91 4.96
C ILE C 223 -1.92 14.25 4.87
N ALA C 224 -2.57 14.54 6.02
CA ALA C 224 -3.99 14.90 6.01
C ALA C 224 -4.22 16.14 5.15
N MET C 225 -3.29 17.10 5.21
CA MET C 225 -3.43 18.34 4.42
C MET C 225 -3.69 18.09 2.94
N VAL C 226 -2.97 17.10 2.36
CA VAL C 226 -3.05 16.90 0.92
C VAL C 226 -3.87 15.68 0.51
N THR C 227 -4.58 15.05 1.48
CA THR C 227 -5.41 13.88 1.15
C THR C 227 -6.89 14.15 1.47
N GLY C 228 -7.22 15.39 1.80
CA GLY C 228 -8.60 15.76 2.11
C GLY C 228 -9.03 15.52 3.54
N GLY C 229 -8.13 15.01 4.36
CA GLY C 229 -8.45 14.76 5.75
C GLY C 229 -8.46 16.02 6.58
N HIS C 230 -9.00 15.89 7.79
CA HIS C 230 -9.06 16.99 8.75
C HIS C 230 -8.03 16.74 9.84
N ILE C 231 -7.71 17.78 10.65
CA ILE C 231 -6.59 17.66 11.58
C ILE C 231 -6.95 18.08 12.96
N ARG C 232 -6.55 17.26 13.94
CA ARG C 232 -6.67 17.59 15.34
C ARG C 232 -5.27 17.89 15.89
N CYS C 233 -5.16 18.95 16.71
CA CYS C 233 -3.89 19.27 17.34
C CYS C 233 -4.18 19.67 18.77
N GLY C 234 -3.16 19.87 19.58
CA GLY C 234 -3.39 20.40 20.91
C GLY C 234 -2.69 19.65 22.01
N PHE C 235 -2.67 20.28 23.19
CA PHE C 235 -1.96 19.80 24.36
C PHE C 235 -2.41 18.44 24.89
N GLU C 236 -3.64 18.04 24.57
CA GLU C 236 -4.08 16.68 24.93
C GLU C 236 -3.15 15.64 24.29
N ASP C 237 -2.72 15.90 23.04
CA ASP C 237 -1.95 14.94 22.22
C ASP C 237 -0.47 15.27 22.09
N ASN C 238 -0.11 16.57 22.17
CA ASN C 238 1.26 17.00 21.94
C ASN C 238 1.50 18.34 22.57
N ILE C 239 2.55 18.46 23.40
CA ILE C 239 2.81 19.74 24.07
C ILE C 239 3.96 20.51 23.45
N PHE C 240 4.63 19.94 22.43
CA PHE C 240 5.80 20.54 21.83
C PHE C 240 5.53 21.22 20.50
N TYR C 241 6.10 22.44 20.33
CA TYR C 241 6.02 23.13 19.05
C TYR C 241 7.08 22.56 18.12
N HIS C 242 8.28 22.34 18.68
CA HIS C 242 9.39 21.66 18.00
C HIS C 242 9.98 20.65 18.97
N LYS C 243 10.78 19.68 18.50
CA LYS C 243 11.45 18.74 19.41
C LYS C 243 12.18 19.54 20.53
N GLY C 244 11.83 19.23 21.78
CA GLY C 244 12.41 19.87 22.96
C GLY C 244 12.04 21.33 23.20
N VAL C 245 11.06 21.87 22.44
CA VAL C 245 10.59 23.25 22.55
C VAL C 245 9.11 23.24 22.91
N ILE C 246 8.78 23.51 24.19
CA ILE C 246 7.41 23.53 24.69
C ILE C 246 6.59 24.57 23.93
N ALA C 247 5.38 24.21 23.47
CA ALA C 247 4.51 25.18 22.79
C ALA C 247 4.02 26.24 23.80
N GLU C 248 3.78 27.45 23.34
CA GLU C 248 3.31 28.51 24.23
C GLU C 248 1.80 28.47 24.48
N SER C 249 1.03 27.87 23.55
CA SER C 249 -0.43 27.79 23.63
C SER C 249 -0.95 26.78 22.65
N ASN C 250 -2.23 26.38 22.81
CA ASN C 250 -2.85 25.52 21.78
C ASN C 250 -3.01 26.33 20.49
N ALA C 251 -3.32 27.64 20.61
CA ALA C 251 -3.50 28.50 19.44
C ALA C 251 -2.23 28.57 18.59
N GLN C 252 -1.05 28.50 19.22
CA GLN C 252 0.22 28.48 18.47
C GLN C 252 0.29 27.25 17.54
N LEU C 253 -0.14 26.09 18.03
CA LEU C 253 -0.16 24.87 17.23
C LEU C 253 -1.18 24.97 16.09
N VAL C 254 -2.38 25.52 16.37
CA VAL C 254 -3.44 25.69 15.38
C VAL C 254 -2.94 26.65 14.29
N ALA C 255 -2.36 27.79 14.70
CA ALA C 255 -1.90 28.82 13.75
C ALA C 255 -0.87 28.28 12.77
N ARG C 256 0.03 27.37 13.21
CA ARG C 256 0.99 26.80 12.25
C ARG C 256 0.25 26.01 11.14
N LEU C 257 -0.73 25.21 11.51
CA LEU C 257 -1.50 24.43 10.53
C LEU C 257 -2.26 25.38 9.59
N ALA C 258 -2.82 26.47 10.15
CA ALA C 258 -3.51 27.45 9.32
C ALA C 258 -2.55 28.12 8.35
N ARG C 259 -1.30 28.43 8.78
CA ARG C 259 -0.33 29.05 7.87
C ARG C 259 0.07 28.08 6.74
N ILE C 260 0.24 26.78 7.06
CA ILE C 260 0.61 25.80 6.04
C ILE C 260 -0.56 25.67 5.04
N ALA C 261 -1.81 25.59 5.54
CA ALA C 261 -2.99 25.54 4.66
C ALA C 261 -3.03 26.77 3.73
N LYS C 262 -2.75 27.96 4.27
CA LYS C 262 -2.74 29.17 3.44
C LYS C 262 -1.63 29.10 2.38
N GLU C 263 -0.43 28.62 2.77
CA GLU C 263 0.68 28.45 1.82
C GLU C 263 0.29 27.60 0.62
N ILE C 264 -0.39 26.47 0.87
CA ILE C 264 -0.71 25.50 -0.19
C ILE C 264 -2.06 25.77 -0.88
N GLY C 265 -2.81 26.76 -0.39
CA GLY C 265 -4.09 27.12 -0.97
C GLY C 265 -5.26 26.24 -0.58
N ARG C 266 -5.18 25.55 0.61
CA ARG C 266 -6.31 24.78 1.10
C ARG C 266 -7.13 25.69 2.03
N PRO C 267 -8.40 26.01 1.68
CA PRO C 267 -9.16 26.93 2.54
C PRO C 267 -9.56 26.28 3.86
N LEU C 268 -9.64 27.08 4.90
CA LEU C 268 -10.16 26.59 6.18
C LEU C 268 -11.67 26.63 6.12
N ALA C 269 -12.32 25.58 6.66
CA ALA C 269 -13.78 25.54 6.69
C ALA C 269 -14.33 26.70 7.52
N THR C 270 -15.42 27.28 7.05
CA THR C 270 -16.13 28.26 7.86
C THR C 270 -16.89 27.48 8.93
N PRO C 271 -17.40 28.10 10.01
CA PRO C 271 -18.24 27.33 10.96
C PRO C 271 -19.44 26.66 10.25
N GLU C 272 -20.09 27.33 9.26
CA GLU C 272 -21.20 26.75 8.49
C GLU C 272 -20.74 25.49 7.72
N GLN C 273 -19.58 25.60 7.03
CA GLN C 273 -19.02 24.45 6.28
C GLN C 273 -18.65 23.31 7.21
N ALA C 274 -18.05 23.61 8.37
CA ALA C 274 -17.67 22.56 9.34
C ALA C 274 -18.93 21.81 9.83
N ARG C 275 -20.03 22.54 10.13
CA ARG C 275 -21.28 21.90 10.55
C ARG C 275 -21.88 21.05 9.42
N GLU C 276 -21.74 21.48 8.15
CA GLU C 276 -22.24 20.72 7.01
C GLU C 276 -21.41 19.43 6.81
N ILE C 277 -20.07 19.56 6.84
CA ILE C 277 -19.18 18.40 6.63
C ILE C 277 -19.41 17.35 7.70
N LEU C 278 -19.56 17.79 8.95
CA LEU C 278 -19.72 16.92 10.11
C LEU C 278 -21.19 16.50 10.33
N ALA C 279 -22.10 16.98 9.47
CA ALA C 279 -23.55 16.68 9.49
C ALA C 279 -24.15 16.95 10.87
N LEU C 280 -23.89 18.18 11.39
CA LEU C 280 -24.34 18.62 12.70
C LEU C 280 -25.66 19.39 12.62
N ASN C 281 -26.14 19.69 11.40
CA ASN C 281 -27.40 20.44 11.24
C ASN C 281 -28.62 19.55 11.50
N HIS D 4 10.14 -12.37 -0.62
CA HIS D 4 8.85 -12.94 -1.04
C HIS D 4 9.04 -13.82 -2.27
N HIS D 5 9.00 -15.15 -2.06
CA HIS D 5 9.20 -16.13 -3.15
C HIS D 5 8.47 -17.44 -2.87
N HIS D 6 7.73 -17.94 -3.86
CA HIS D 6 6.92 -19.16 -3.77
C HIS D 6 7.76 -20.44 -3.94
N HIS D 7 9.09 -20.36 -3.73
CA HIS D 7 9.99 -21.52 -3.83
C HIS D 7 10.63 -21.84 -2.47
N GLU D 8 10.51 -20.92 -1.48
CA GLU D 8 11.01 -21.07 -0.10
C GLU D 8 10.15 -22.12 0.61
N PRO D 9 10.70 -22.98 1.52
CA PRO D 9 9.84 -24.02 2.13
C PRO D 9 8.66 -23.45 2.90
N LEU D 10 7.53 -24.17 2.85
CA LEU D 10 6.31 -23.75 3.52
C LEU D 10 6.06 -24.55 4.78
N ILE D 11 5.87 -23.86 5.90
CA ILE D 11 5.51 -24.49 7.17
C ILE D 11 4.01 -24.37 7.34
N LEU D 12 3.35 -25.53 7.45
CA LEU D 12 1.92 -25.58 7.76
C LEU D 12 1.73 -25.90 9.24
N THR D 13 0.95 -25.07 9.94
CA THR D 13 0.61 -25.32 11.33
C THR D 13 -0.85 -25.72 11.41
N ALA D 14 -1.17 -26.74 12.20
CA ALA D 14 -2.56 -27.14 12.43
C ALA D 14 -2.96 -26.74 13.84
N ALA D 15 -3.90 -25.80 13.95
CA ALA D 15 -4.43 -25.32 15.26
C ALA D 15 -5.72 -26.11 15.46
N ILE D 16 -5.56 -27.31 16.03
CA ILE D 16 -6.58 -28.34 15.97
C ILE D 16 -7.78 -28.22 16.90
N THR D 17 -7.67 -27.48 18.02
CA THR D 17 -8.72 -27.47 19.03
C THR D 17 -9.14 -26.06 19.44
N GLY D 18 -8.18 -25.27 19.90
CA GLY D 18 -8.50 -23.91 20.34
C GLY D 18 -9.21 -23.83 21.66
N ALA D 19 -9.55 -22.59 22.06
CA ALA D 19 -10.20 -22.35 23.34
C ALA D 19 -11.71 -22.11 23.20
N GLU D 20 -12.18 -21.79 21.97
CA GLU D 20 -13.58 -21.38 21.76
C GLU D 20 -14.45 -22.32 20.94
N THR D 21 -13.87 -23.02 19.96
CA THR D 21 -14.68 -23.87 19.06
C THR D 21 -15.48 -24.91 19.85
N THR D 22 -16.75 -25.11 19.47
CA THR D 22 -17.60 -26.07 20.15
C THR D 22 -17.88 -27.28 19.28
N ARG D 23 -18.16 -28.40 19.94
CA ARG D 23 -18.55 -29.65 19.29
C ARG D 23 -19.93 -29.53 18.67
N ALA D 24 -20.79 -28.61 19.19
CA ALA D 24 -22.13 -28.38 18.62
C ALA D 24 -21.99 -27.86 17.18
N ASP D 25 -21.00 -26.98 16.95
CA ASP D 25 -20.76 -26.43 15.63
C ASP D 25 -19.89 -27.36 14.79
N GLN D 26 -18.88 -27.98 15.41
CA GLN D 26 -17.91 -28.82 14.72
C GLN D 26 -17.78 -30.17 15.46
N PRO D 27 -18.62 -31.15 15.09
CA PRO D 27 -18.61 -32.46 15.79
C PRO D 27 -17.29 -33.22 15.70
N ASN D 28 -16.42 -32.86 14.74
CA ASN D 28 -15.15 -33.55 14.55
C ASN D 28 -14.03 -32.94 15.40
N LEU D 29 -14.37 -31.96 16.27
CA LEU D 29 -13.38 -31.32 17.10
C LEU D 29 -12.66 -32.31 18.07
N PRO D 30 -11.29 -32.43 17.98
CA PRO D 30 -10.57 -33.29 18.93
C PRO D 30 -10.45 -32.59 20.29
N ILE D 31 -10.86 -33.27 21.38
CA ILE D 31 -10.81 -32.63 22.71
C ILE D 31 -9.93 -33.40 23.71
N THR D 32 -9.84 -34.73 23.56
CA THR D 32 -9.03 -35.52 24.50
C THR D 32 -7.60 -35.69 23.96
N PRO D 33 -6.60 -35.97 24.85
CA PRO D 33 -5.22 -36.23 24.36
C PRO D 33 -5.17 -37.31 23.27
N GLU D 34 -5.94 -38.42 23.44
CA GLU D 34 -6.00 -39.51 22.43
C GLU D 34 -6.50 -38.96 21.07
N GLU D 35 -7.60 -38.17 21.08
CA GLU D 35 -8.14 -37.58 19.85
C GLU D 35 -7.16 -36.62 19.23
N GLN D 36 -6.50 -35.80 20.08
CA GLN D 36 -5.54 -34.80 19.59
C GLN D 36 -4.32 -35.48 18.96
N ALA D 37 -3.84 -36.60 19.52
CA ALA D 37 -2.72 -37.36 18.95
C ALA D 37 -3.08 -37.96 17.57
N LYS D 38 -4.29 -38.54 17.44
CA LYS D 38 -4.76 -39.12 16.18
C LYS D 38 -4.85 -38.00 15.12
N GLU D 39 -5.40 -36.84 15.51
CA GLU D 39 -5.49 -35.71 14.58
C GLU D 39 -4.08 -35.20 14.21
N ALA D 40 -3.16 -35.10 15.18
CA ALA D 40 -1.80 -34.63 14.90
C ALA D 40 -1.08 -35.53 13.89
N LYS D 41 -1.25 -36.86 14.03
CA LYS D 41 -0.62 -37.80 13.08
C LYS D 41 -1.21 -37.58 11.68
N ALA D 42 -2.56 -37.50 11.57
CA ALA D 42 -3.20 -37.28 10.25
C ALA D 42 -2.75 -35.93 9.65
N CYS D 43 -2.61 -34.89 10.48
CA CYS D 43 -2.17 -33.59 10.00
C CYS D 43 -0.73 -33.62 9.53
N PHE D 44 0.15 -34.32 10.27
CA PHE D 44 1.55 -34.44 9.86
C PHE D 44 1.64 -35.14 8.50
N GLU D 45 0.87 -36.24 8.33
CA GLU D 45 0.86 -36.99 7.07
C GLU D 45 0.32 -36.14 5.92
N ALA D 46 -0.56 -35.16 6.23
CA ALA D 46 -1.11 -34.28 5.21
C ALA D 46 -0.18 -33.09 4.89
N GLY D 47 0.89 -32.89 5.67
CA GLY D 47 1.85 -31.83 5.41
C GLY D 47 2.13 -30.86 6.54
N ALA D 48 1.43 -30.97 7.70
CA ALA D 48 1.68 -30.05 8.82
C ALA D 48 3.01 -30.39 9.49
N ARG D 49 3.73 -29.34 9.93
CA ARG D 49 5.01 -29.54 10.62
C ARG D 49 4.91 -29.02 12.06
N VAL D 50 3.84 -28.28 12.39
CA VAL D 50 3.61 -27.75 13.73
C VAL D 50 2.20 -28.03 14.15
N ILE D 51 2.00 -28.38 15.44
CA ILE D 51 0.67 -28.46 16.01
C ILE D 51 0.55 -27.32 17.01
N HIS D 52 -0.46 -26.43 16.85
CA HIS D 52 -0.73 -25.33 17.78
C HIS D 52 -1.77 -25.90 18.68
N LEU D 53 -1.37 -26.17 19.93
CA LEU D 53 -2.15 -26.96 20.85
C LEU D 53 -2.75 -26.22 22.04
N HIS D 54 -4.07 -26.32 22.16
CA HIS D 54 -4.84 -25.97 23.35
C HIS D 54 -5.35 -27.27 23.92
N ILE D 55 -5.46 -27.37 25.24
CA ILE D 55 -6.00 -28.58 25.86
C ILE D 55 -7.39 -28.30 26.42
N ARG D 56 -8.20 -29.35 26.55
CA ARG D 56 -9.55 -29.28 27.10
C ARG D 56 -9.76 -30.40 28.07
N GLU D 57 -10.70 -30.23 29.00
CA GLU D 57 -11.12 -31.32 29.88
C GLU D 57 -12.03 -32.22 29.05
N ASP D 58 -12.35 -33.43 29.55
CA ASP D 58 -13.23 -34.34 28.82
C ASP D 58 -14.64 -33.76 28.56
N ASP D 59 -15.08 -32.76 29.36
CA ASP D 59 -16.40 -32.15 29.11
C ASP D 59 -16.32 -31.04 28.04
N GLY D 60 -15.10 -30.82 27.50
CA GLY D 60 -14.85 -29.83 26.46
C GLY D 60 -14.47 -28.45 26.95
N ARG D 61 -14.43 -28.21 28.28
CA ARG D 61 -14.06 -26.87 28.73
C ARG D 61 -12.55 -26.66 28.64
N PRO D 62 -12.08 -25.42 28.41
CA PRO D 62 -10.63 -25.19 28.36
C PRO D 62 -9.92 -25.62 29.64
N SER D 63 -8.70 -26.13 29.49
CA SER D 63 -7.91 -26.61 30.63
C SER D 63 -6.54 -25.95 30.65
N GLN D 64 -5.97 -25.87 31.85
CA GLN D 64 -4.60 -25.40 32.07
C GLN D 64 -3.84 -26.40 32.93
N ARG D 65 -4.44 -27.58 33.20
CA ARG D 65 -3.84 -28.60 34.08
C ARG D 65 -2.53 -29.11 33.49
N LEU D 66 -1.46 -29.02 34.29
CA LEU D 66 -0.12 -29.47 33.90
C LEU D 66 -0.14 -30.93 33.43
N ASP D 67 -0.82 -31.81 34.18
CA ASP D 67 -0.94 -33.23 33.87
C ASP D 67 -1.65 -33.44 32.54
N ARG D 68 -2.64 -32.59 32.22
CA ARG D 68 -3.37 -32.68 30.95
C ARG D 68 -2.45 -32.26 29.79
N PHE D 69 -1.64 -31.21 29.98
CA PHE D 69 -0.66 -30.82 28.95
C PHE D 69 0.35 -31.95 28.74
N GLN D 70 0.82 -32.59 29.85
CA GLN D 70 1.78 -33.70 29.73
CA GLN D 70 1.77 -33.71 29.75
C GLN D 70 1.15 -34.87 28.97
N GLU D 71 -0.13 -35.20 29.26
CA GLU D 71 -0.85 -36.30 28.57
C GLU D 71 -0.96 -36.02 27.08
N ALA D 72 -1.33 -34.77 26.70
CA ALA D 72 -1.49 -34.41 25.29
C ALA D 72 -0.14 -34.39 24.57
N ILE D 73 0.87 -33.73 25.17
CA ILE D 73 2.19 -33.65 24.54
C ILE D 73 2.79 -35.05 24.36
N SER D 74 2.74 -35.89 25.42
CA SER D 74 3.28 -37.26 25.35
C SER D 74 2.55 -38.09 24.30
N ALA D 75 1.19 -37.97 24.21
CA ALA D 75 0.41 -38.75 23.26
C ALA D 75 0.78 -38.36 21.82
N ILE D 76 0.95 -37.06 21.55
CA ILE D 76 1.30 -36.58 20.22
C ILE D 76 2.72 -37.03 19.88
N ARG D 77 3.69 -36.81 20.79
CA ARG D 77 5.09 -37.19 20.55
C ARG D 77 5.26 -38.68 20.32
N GLU D 78 4.43 -39.52 20.97
CA GLU D 78 4.50 -40.97 20.80
C GLU D 78 4.18 -41.38 19.35
N VAL D 79 3.17 -40.76 18.73
CA VAL D 79 2.71 -41.16 17.39
C VAL D 79 3.39 -40.35 16.28
N VAL D 80 3.82 -39.11 16.56
CA VAL D 80 4.46 -38.30 15.54
C VAL D 80 5.61 -37.48 16.22
N PRO D 81 6.73 -38.17 16.52
CA PRO D 81 7.85 -37.50 17.21
C PRO D 81 8.51 -36.38 16.42
N GLU D 82 8.32 -36.34 15.09
CA GLU D 82 8.92 -35.29 14.27
C GLU D 82 8.17 -33.95 14.35
N ILE D 83 6.88 -33.97 14.74
CA ILE D 83 6.09 -32.71 14.72
C ILE D 83 6.54 -31.76 15.85
N ILE D 84 6.45 -30.46 15.57
CA ILE D 84 6.78 -29.38 16.51
C ILE D 84 5.53 -29.09 17.34
N ILE D 85 5.60 -29.18 18.68
CA ILE D 85 4.40 -28.91 19.50
C ILE D 85 4.54 -27.50 20.06
N GLN D 86 3.55 -26.66 19.74
CA GLN D 86 3.47 -25.26 20.13
C GLN D 86 2.28 -25.12 21.05
N ILE D 87 2.50 -24.91 22.35
CA ILE D 87 1.38 -24.88 23.29
C ILE D 87 0.88 -23.47 23.62
N SER D 88 -0.42 -23.37 23.96
CA SER D 88 -1.07 -22.12 24.38
C SER D 88 -1.60 -22.40 25.74
N THR D 89 -1.17 -21.61 26.75
CA THR D 89 -1.40 -21.94 28.17
C THR D 89 -2.46 -21.10 28.93
N GLY D 90 -3.21 -20.27 28.23
CA GLY D 90 -4.30 -19.52 28.86
C GLY D 90 -5.55 -20.39 29.03
N GLY D 91 -6.50 -19.90 29.82
CA GLY D 91 -7.75 -20.61 30.08
C GLY D 91 -8.94 -19.72 29.79
N ALA D 92 -10.13 -20.15 30.21
CA ALA D 92 -11.37 -19.39 30.01
C ALA D 92 -11.62 -18.48 31.23
N VAL D 93 -12.86 -18.01 31.42
CA VAL D 93 -13.18 -17.21 32.61
C VAL D 93 -12.95 -18.15 33.80
N GLY D 94 -12.19 -17.68 34.78
CA GLY D 94 -11.88 -18.50 35.94
C GLY D 94 -10.54 -19.19 35.81
N GLU D 95 -9.72 -18.79 34.81
CA GLU D 95 -8.37 -19.34 34.63
C GLU D 95 -7.44 -18.87 35.75
N SER D 96 -6.24 -19.42 35.78
CA SER D 96 -5.17 -19.01 36.68
C SER D 96 -4.09 -18.34 35.88
N PHE D 97 -3.54 -17.23 36.39
CA PHE D 97 -2.41 -16.60 35.70
C PHE D 97 -1.15 -17.43 35.92
N ASP D 98 -0.89 -17.88 37.14
CA ASP D 98 0.28 -18.71 37.43
C ASP D 98 0.29 -20.00 36.57
N LYS D 99 -0.89 -20.58 36.26
CA LYS D 99 -0.95 -21.81 35.45
C LYS D 99 -0.58 -21.57 33.98
N ARG D 100 -0.49 -20.30 33.55
CA ARG D 100 -0.02 -19.97 32.19
C ARG D 100 1.49 -20.20 32.09
N LEU D 101 2.21 -20.06 33.22
CA LEU D 101 3.67 -20.20 33.26
C LEU D 101 4.12 -21.63 33.50
N ALA D 102 3.43 -22.36 34.40
CA ALA D 102 3.76 -23.74 34.77
C ALA D 102 4.05 -24.67 33.56
N PRO D 103 3.29 -24.68 32.42
CA PRO D 103 3.64 -25.62 31.34
C PRO D 103 4.92 -25.24 30.61
N LEU D 104 5.44 -24.00 30.75
CA LEU D 104 6.72 -23.58 30.15
C LEU D 104 7.85 -24.40 30.76
N ALA D 105 7.68 -24.81 32.05
CA ALA D 105 8.60 -25.68 32.80
C ALA D 105 8.72 -27.04 32.14
N LEU D 106 7.74 -27.44 31.27
CA LEU D 106 7.80 -28.69 30.50
C LEU D 106 8.71 -28.51 29.29
N LYS D 107 9.29 -27.31 29.15
CA LYS D 107 10.21 -26.94 28.05
C LYS D 107 9.65 -27.42 26.68
N PRO D 108 8.42 -26.99 26.29
CA PRO D 108 7.93 -27.32 24.94
C PRO D 108 8.81 -26.61 23.91
N GLU D 109 8.78 -27.01 22.64
CA GLU D 109 9.60 -26.39 21.60
CA GLU D 109 9.64 -26.33 21.66
C GLU D 109 9.23 -24.89 21.47
N MET D 110 7.92 -24.62 21.43
CA MET D 110 7.36 -23.27 21.28
C MET D 110 6.15 -23.10 22.14
N ALA D 111 5.79 -21.85 22.45
CA ALA D 111 4.56 -21.54 23.15
C ALA D 111 4.06 -20.19 22.73
N THR D 112 2.75 -19.98 22.83
CA THR D 112 2.14 -18.71 22.41
C THR D 112 2.45 -17.57 23.38
N LEU D 113 2.85 -16.43 22.80
CA LEU D 113 3.01 -15.18 23.52
C LEU D 113 2.04 -14.18 22.87
N ASN D 114 1.05 -13.66 23.62
CA ASN D 114 0.12 -12.69 23.07
C ASN D 114 0.75 -11.31 23.07
N ALA D 115 0.57 -10.55 22.00
CA ALA D 115 1.25 -9.25 21.94
C ALA D 115 0.39 -8.05 22.37
N GLY D 116 -0.88 -8.29 22.70
CA GLY D 116 -1.71 -7.17 23.09
C GLY D 116 -3.12 -7.54 23.47
N THR D 117 -3.92 -6.52 23.77
CA THR D 117 -5.32 -6.65 24.15
C THR D 117 -6.21 -6.18 23.02
N LEU D 118 -7.36 -6.85 22.88
CA LEU D 118 -8.37 -6.37 21.93
C LEU D 118 -9.74 -6.82 22.34
N ASN D 119 -10.75 -6.05 21.91
CA ASN D 119 -12.12 -6.53 21.98
C ASN D 119 -12.17 -7.76 21.12
N PHE D 120 -12.90 -8.80 21.55
CA PHE D 120 -12.88 -10.10 20.90
C PHE D 120 -14.29 -10.64 20.96
N GLY D 121 -15.03 -10.42 19.88
CA GLY D 121 -16.45 -10.73 19.87
C GLY D 121 -17.17 -9.81 20.85
N ASP D 122 -17.99 -10.38 21.75
CA ASP D 122 -18.74 -9.58 22.71
C ASP D 122 -17.96 -9.31 24.00
N ASP D 123 -16.73 -9.79 24.06
CA ASP D 123 -15.90 -9.72 25.23
C ASP D 123 -14.59 -9.01 24.97
N ILE D 124 -13.66 -9.09 25.92
CA ILE D 124 -12.32 -8.50 25.76
C ILE D 124 -11.27 -9.56 26.03
N PHE D 125 -10.26 -9.66 25.13
CA PHE D 125 -9.13 -10.57 25.32
C PHE D 125 -8.01 -9.73 25.92
N ILE D 126 -7.83 -9.81 27.23
CA ILE D 126 -6.92 -8.95 27.98
C ILE D 126 -5.53 -9.55 28.11
N ASN D 127 -4.50 -8.77 27.72
CA ASN D 127 -3.09 -9.13 27.88
C ASN D 127 -2.38 -7.88 28.32
N HIS D 128 -2.37 -7.62 29.64
CA HIS D 128 -1.76 -6.38 30.16
C HIS D 128 -0.28 -6.28 29.80
N PRO D 129 0.24 -5.09 29.42
CA PRO D 129 1.67 -4.96 29.07
C PRO D 129 2.65 -5.58 30.09
N ALA D 130 2.36 -5.47 31.41
CA ALA D 130 3.25 -6.02 32.43
C ALA D 130 3.20 -7.55 32.42
N ASP D 131 2.02 -8.13 32.10
CA ASP D 131 1.85 -9.59 32.05
C ASP D 131 2.48 -10.19 30.78
N ILE D 132 2.47 -9.43 29.65
CA ILE D 132 3.17 -9.85 28.43
C ILE D 132 4.66 -9.94 28.77
N ILE D 133 5.21 -8.91 29.45
CA ILE D 133 6.63 -8.92 29.82
C ILE D 133 6.93 -10.10 30.75
N ARG D 134 6.09 -10.33 31.78
CA ARG D 134 6.34 -11.43 32.70
C ARG D 134 6.38 -12.77 31.97
N LEU D 135 5.45 -12.99 31.02
CA LEU D 135 5.44 -14.25 30.27
C LEU D 135 6.66 -14.34 29.36
N ALA D 136 7.04 -13.21 28.70
CA ALA D 136 8.24 -13.19 27.84
C ALA D 136 9.48 -13.60 28.66
N GLU D 137 9.55 -13.15 29.92
CA GLU D 137 10.68 -13.47 30.78
C GLU D 137 10.69 -14.97 31.12
N ALA D 138 9.50 -15.57 31.30
CA ALA D 138 9.39 -17.00 31.60
C ALA D 138 9.85 -17.84 30.38
N PHE D 139 9.58 -17.34 29.15
CA PHE D 139 10.06 -18.01 27.92
C PHE D 139 11.57 -18.11 27.94
N LYS D 140 12.26 -16.99 28.27
CA LYS D 140 13.72 -16.96 28.32
C LYS D 140 14.26 -17.87 29.41
N GLN D 141 13.60 -17.90 30.56
CA GLN D 141 14.01 -18.72 31.70
C GLN D 141 14.00 -20.22 31.34
N TYR D 142 12.96 -20.66 30.60
CA TYR D 142 12.82 -22.07 30.23
C TYR D 142 13.32 -22.41 28.83
N ASN D 143 13.94 -21.42 28.13
CA ASN D 143 14.50 -21.59 26.77
C ASN D 143 13.45 -22.08 25.78
N VAL D 144 12.24 -21.48 25.87
CA VAL D 144 11.13 -21.80 24.99
C VAL D 144 11.05 -20.71 23.92
N VAL D 145 10.94 -21.09 22.64
CA VAL D 145 10.87 -20.12 21.55
C VAL D 145 9.42 -19.60 21.47
N PRO D 146 9.21 -18.26 21.52
CA PRO D 146 7.83 -17.76 21.42
C PRO D 146 7.25 -17.77 20.01
N GLU D 147 5.95 -17.94 19.91
CA GLU D 147 5.17 -17.78 18.70
C GLU D 147 4.29 -16.56 19.05
N VAL D 148 4.65 -15.38 18.54
CA VAL D 148 4.06 -14.12 18.96
C VAL D 148 2.78 -13.81 18.18
N GLU D 149 1.61 -13.83 18.85
CA GLU D 149 0.33 -13.64 18.16
C GLU D 149 -0.01 -12.17 18.10
N VAL D 150 -0.19 -11.68 16.86
CA VAL D 150 -0.44 -10.26 16.56
C VAL D 150 -1.79 -10.15 15.83
N TYR D 151 -2.67 -9.26 16.31
CA TYR D 151 -4.02 -9.06 15.75
C TYR D 151 -4.21 -7.70 15.13
N GLU D 152 -3.27 -6.77 15.37
CA GLU D 152 -3.35 -5.38 14.94
C GLU D 152 -1.99 -4.82 14.67
N SER D 153 -1.94 -3.76 13.85
CA SER D 153 -0.70 -3.05 13.53
C SER D 153 0.10 -2.60 14.76
N GLY D 154 -0.57 -2.01 15.76
CA GLY D 154 0.06 -1.51 16.97
C GLY D 154 0.78 -2.57 17.77
N MET D 155 0.37 -3.84 17.61
CA MET D 155 1.03 -4.93 18.33
C MET D 155 2.40 -5.19 17.76
N VAL D 156 2.62 -4.96 16.45
CA VAL D 156 3.95 -5.10 15.87
C VAL D 156 4.88 -4.07 16.50
N ASP D 157 4.45 -2.80 16.61
CA ASP D 157 5.29 -1.78 17.25
C ASP D 157 5.58 -2.13 18.71
N ALA D 158 4.55 -2.65 19.42
CA ALA D 158 4.71 -3.03 20.84
C ALA D 158 5.79 -4.14 20.95
N VAL D 159 5.75 -5.13 20.05
CA VAL D 159 6.77 -6.21 20.05
C VAL D 159 8.16 -5.63 19.74
N ALA D 160 8.26 -4.73 18.74
CA ALA D 160 9.54 -4.08 18.42
C ALA D 160 10.13 -3.36 19.64
N ARG D 161 9.25 -2.72 20.47
CA ARG D 161 9.70 -2.03 21.68
CA ARG D 161 9.68 -2.04 21.69
C ARG D 161 10.25 -3.05 22.68
N LEU D 162 9.57 -4.22 22.84
CA LEU D 162 10.04 -5.26 23.75
C LEU D 162 11.39 -5.83 23.30
N ILE D 163 11.64 -5.89 21.98
CA ILE D 163 12.96 -6.34 21.48
C ILE D 163 14.01 -5.30 21.87
N LYS D 164 13.71 -4.00 21.61
CA LYS D 164 14.64 -2.91 21.91
C LYS D 164 15.01 -2.88 23.40
N LYS D 165 14.04 -3.21 24.26
CA LYS D 165 14.23 -3.21 25.71
C LYS D 165 14.91 -4.48 26.23
N GLY D 166 15.24 -5.43 25.34
CA GLY D 166 15.90 -6.66 25.75
C GLY D 166 14.97 -7.64 26.47
N ILE D 167 13.66 -7.46 26.29
CA ILE D 167 12.67 -8.33 26.90
C ILE D 167 12.46 -9.56 25.99
N ILE D 168 12.34 -9.33 24.68
CA ILE D 168 12.27 -10.42 23.71
C ILE D 168 13.64 -10.49 23.05
N THR D 169 14.40 -11.55 23.31
CA THR D 169 15.74 -11.73 22.80
C THR D 169 15.81 -12.73 21.64
N GLN D 170 14.71 -13.44 21.37
CA GLN D 170 14.65 -14.41 20.28
C GLN D 170 14.92 -13.72 18.94
N ASN D 171 15.87 -14.26 18.16
CA ASN D 171 16.19 -13.71 16.85
C ASN D 171 16.70 -14.85 15.96
N PRO D 172 16.00 -15.21 14.85
CA PRO D 172 14.80 -14.55 14.28
C PRO D 172 13.56 -14.84 15.09
N LEU D 173 12.69 -13.84 15.20
CA LEU D 173 11.46 -13.93 15.94
C LEU D 173 10.34 -14.34 15.00
N HIS D 174 9.41 -15.19 15.47
CA HIS D 174 8.32 -15.65 14.63
C HIS D 174 7.02 -15.02 15.05
N ILE D 175 6.42 -14.32 14.09
CA ILE D 175 5.14 -13.62 14.30
C ILE D 175 4.01 -14.41 13.66
N GLN D 176 2.95 -14.67 14.43
CA GLN D 176 1.75 -15.32 13.94
C GLN D 176 0.67 -14.24 13.82
N PHE D 177 0.38 -13.78 12.60
CA PHE D 177 -0.74 -12.87 12.39
C PHE D 177 -2.02 -13.64 12.56
N VAL D 178 -2.97 -13.10 13.32
CA VAL D 178 -4.27 -13.75 13.52
C VAL D 178 -5.28 -12.75 13.00
N LEU D 179 -5.80 -13.00 11.79
CA LEU D 179 -6.67 -12.03 11.13
C LEU D 179 -8.07 -12.55 10.97
N GLY D 180 -9.05 -11.67 11.18
CA GLY D 180 -10.45 -12.05 11.04
C GLY D 180 -11.22 -12.16 12.33
N VAL D 181 -10.58 -11.86 13.47
CA VAL D 181 -11.31 -11.85 14.76
C VAL D 181 -12.25 -10.64 14.77
N PRO D 182 -13.54 -10.77 15.21
CA PRO D 182 -14.38 -9.56 15.37
C PRO D 182 -13.81 -8.72 16.52
N GLY D 183 -13.22 -7.60 16.15
CA GLY D 183 -12.53 -6.73 17.08
C GLY D 183 -11.08 -6.51 16.65
N GLY D 184 -10.55 -7.44 15.87
CA GLY D 184 -9.19 -7.35 15.36
C GLY D 184 -9.15 -7.04 13.87
N MET D 185 -7.94 -6.94 13.32
CA MET D 185 -7.77 -6.67 11.90
C MET D 185 -8.33 -7.82 11.07
N SER D 186 -9.03 -7.52 9.97
CA SER D 186 -9.60 -8.57 9.12
C SER D 186 -8.52 -9.22 8.24
N GLY D 187 -8.87 -10.31 7.57
CA GLY D 187 -7.95 -11.02 6.69
C GLY D 187 -8.01 -10.63 5.23
N LYS D 188 -8.56 -9.43 4.92
CA LYS D 188 -8.62 -9.05 3.50
C LYS D 188 -7.20 -8.90 2.95
N PRO D 189 -7.01 -9.20 1.64
CA PRO D 189 -5.65 -9.13 1.06
C PRO D 189 -4.91 -7.82 1.36
N LYS D 190 -5.58 -6.66 1.27
CA LYS D 190 -4.94 -5.38 1.58
C LYS D 190 -4.28 -5.41 2.98
N ASN D 191 -4.96 -6.05 3.96
CA ASN D 191 -4.46 -6.09 5.34
C ASN D 191 -3.25 -6.99 5.50
N LEU D 192 -3.26 -8.19 4.87
CA LEU D 192 -2.10 -9.07 5.02
C LEU D 192 -0.88 -8.45 4.30
N MET D 193 -1.09 -7.82 3.13
CA MET D 193 0.00 -7.14 2.45
C MET D 193 0.55 -6.00 3.31
N TYR D 194 -0.35 -5.22 3.92
CA TYR D 194 0.10 -4.15 4.82
C TYR D 194 0.90 -4.74 5.98
N MET D 195 0.36 -5.80 6.63
CA MET D 195 1.02 -6.36 7.82
C MET D 195 2.42 -6.92 7.53
N MET D 196 2.61 -7.67 6.42
CA MET D 196 3.95 -8.21 6.15
C MET D 196 4.93 -7.08 5.86
N GLU D 197 4.46 -5.98 5.20
CA GLU D 197 5.33 -4.84 4.87
C GLU D 197 5.66 -4.05 6.12
N HIS D 198 4.66 -3.84 6.98
CA HIS D 198 4.83 -3.15 8.25
C HIS D 198 5.83 -3.93 9.13
N LEU D 199 5.65 -5.27 9.24
CA LEU D 199 6.56 -6.10 10.00
C LEU D 199 8.00 -6.01 9.43
N LYS D 200 8.15 -5.99 8.08
CA LYS D 200 9.47 -5.89 7.46
C LYS D 200 10.17 -4.57 7.83
N GLU D 201 9.39 -3.48 7.91
CA GLU D 201 9.92 -2.17 8.31
C GLU D 201 10.33 -2.16 9.79
N GLU D 202 9.49 -2.74 10.68
CA GLU D 202 9.72 -2.63 12.12
C GLU D 202 10.61 -3.72 12.74
N ILE D 203 10.55 -4.96 12.22
CA ILE D 203 11.31 -6.11 12.71
C ILE D 203 11.84 -6.85 11.47
N PRO D 204 12.88 -6.29 10.84
CA PRO D 204 13.33 -6.81 9.53
C PRO D 204 13.70 -8.28 9.46
N THR D 205 14.18 -8.87 10.58
CA THR D 205 14.60 -10.29 10.54
C THR D 205 13.48 -11.27 10.95
N ALA D 206 12.30 -10.75 11.34
CA ALA D 206 11.22 -11.62 11.81
C ALA D 206 10.67 -12.46 10.65
N THR D 207 10.26 -13.70 10.96
CA THR D 207 9.53 -14.55 10.03
C THR D 207 8.05 -14.40 10.39
N TRP D 208 7.14 -14.86 9.51
CA TRP D 208 5.74 -14.75 9.86
C TRP D 208 4.89 -15.87 9.28
N ALA D 209 3.75 -16.10 9.94
CA ALA D 209 2.68 -17.00 9.49
C ALA D 209 1.39 -16.25 9.60
N VAL D 210 0.37 -16.73 8.91
CA VAL D 210 -0.95 -16.09 9.01
C VAL D 210 -2.01 -17.14 9.31
N ALA D 211 -2.98 -16.74 10.14
CA ALA D 211 -4.19 -17.53 10.41
C ALA D 211 -5.34 -16.66 10.00
N GLY D 212 -6.21 -17.18 9.15
CA GLY D 212 -7.36 -16.42 8.69
C GLY D 212 -8.60 -17.04 9.26
N ILE D 213 -9.25 -16.33 10.17
CA ILE D 213 -10.44 -16.82 10.86
C ILE D 213 -11.59 -16.94 9.88
N GLY D 214 -12.33 -18.05 9.96
CA GLY D 214 -13.52 -18.25 9.15
C GLY D 214 -13.33 -18.03 7.67
N ARG D 215 -14.12 -17.09 7.09
CA ARG D 215 -14.08 -16.81 5.65
C ARG D 215 -12.73 -16.25 5.17
N TRP D 216 -11.86 -15.82 6.10
CA TRP D 216 -10.58 -15.27 5.68
C TRP D 216 -9.50 -16.34 5.45
N HIS D 217 -9.80 -17.61 5.75
CA HIS D 217 -8.81 -18.66 5.57
C HIS D 217 -8.27 -18.70 4.13
N ILE D 218 -9.16 -18.69 3.11
CA ILE D 218 -8.68 -18.78 1.71
C ILE D 218 -7.85 -17.55 1.27
N PRO D 219 -8.32 -16.29 1.41
CA PRO D 219 -7.48 -15.15 0.96
C PRO D 219 -6.15 -15.07 1.70
N THR D 220 -6.13 -15.31 3.02
CA THR D 220 -4.83 -15.21 3.74
C THR D 220 -3.88 -16.33 3.28
N SER D 221 -4.40 -17.57 3.10
CA SER D 221 -3.55 -18.69 2.72
C SER D 221 -2.92 -18.48 1.37
N LEU D 222 -3.72 -18.05 0.38
CA LEU D 222 -3.16 -17.94 -0.98
C LEU D 222 -2.18 -16.77 -1.10
N ILE D 223 -2.38 -15.68 -0.35
CA ILE D 223 -1.42 -14.57 -0.35
C ILE D 223 -0.13 -15.04 0.33
N ALA D 224 -0.24 -15.72 1.50
CA ALA D 224 0.97 -16.22 2.17
C ALA D 224 1.75 -17.18 1.27
N MET D 225 1.03 -18.01 0.49
CA MET D 225 1.70 -18.95 -0.41
C MET D 225 2.71 -18.31 -1.33
N VAL D 226 2.38 -17.13 -1.89
CA VAL D 226 3.23 -16.50 -2.89
C VAL D 226 4.06 -15.32 -2.37
N THR D 227 4.05 -15.07 -1.05
CA THR D 227 4.81 -13.97 -0.46
C THR D 227 5.88 -14.51 0.53
N GLY D 228 6.04 -15.82 0.59
CA GLY D 228 7.04 -16.43 1.46
C GLY D 228 6.56 -16.68 2.88
N GLY D 229 5.31 -16.30 3.18
CA GLY D 229 4.78 -16.52 4.51
C GLY D 229 4.42 -17.97 4.76
N HIS D 230 4.18 -18.27 6.03
CA HIS D 230 3.77 -19.60 6.47
C HIS D 230 2.28 -19.55 6.83
N ILE D 231 1.63 -20.74 6.96
CA ILE D 231 0.19 -20.76 7.09
C ILE D 231 -0.25 -21.61 8.24
N ARG D 232 -1.21 -21.08 9.01
CA ARG D 232 -1.86 -21.81 10.06
C ARG D 232 -3.31 -22.09 9.63
N CYS D 233 -3.81 -23.28 9.90
CA CYS D 233 -5.19 -23.62 9.58
C CYS D 233 -5.72 -24.46 10.71
N GLY D 234 -7.01 -24.73 10.70
CA GLY D 234 -7.52 -25.64 11.72
C GLY D 234 -8.76 -25.15 12.40
N PHE D 235 -9.40 -26.06 13.15
CA PHE D 235 -10.68 -25.83 13.82
C PHE D 235 -10.68 -24.72 14.87
N GLU D 236 -9.50 -24.39 15.43
CA GLU D 236 -9.43 -23.25 16.35
C GLU D 236 -9.90 -21.99 15.64
N ASP D 237 -9.52 -21.84 14.34
CA ASP D 237 -9.76 -20.62 13.56
C ASP D 237 -10.92 -20.72 12.57
N ASN D 238 -11.13 -21.92 12.04
CA ASN D 238 -12.12 -22.10 10.98
C ASN D 238 -12.61 -23.50 10.93
N ILE D 239 -13.94 -23.68 10.96
CA ILE D 239 -14.49 -25.05 10.96
C ILE D 239 -15.07 -25.45 9.59
N PHE D 240 -15.06 -24.53 8.61
CA PHE D 240 -15.65 -24.81 7.29
C PHE D 240 -14.62 -25.11 6.21
N TYR D 241 -14.91 -26.14 5.38
CA TYR D 241 -14.06 -26.45 4.24
C TYR D 241 -14.43 -25.51 3.09
N HIS D 242 -15.74 -25.28 2.90
CA HIS D 242 -16.30 -24.31 1.97
C HIS D 242 -17.40 -23.55 2.69
N LYS D 243 -17.86 -22.39 2.15
CA LYS D 243 -18.97 -21.68 2.79
C LYS D 243 -20.17 -22.65 2.99
N GLY D 244 -20.62 -22.77 4.24
CA GLY D 244 -21.73 -23.65 4.62
C GLY D 244 -21.47 -25.14 4.54
N VAL D 245 -20.19 -25.56 4.38
CA VAL D 245 -19.80 -26.97 4.30
C VAL D 245 -18.79 -27.23 5.40
N ILE D 246 -19.21 -27.92 6.47
CA ILE D 246 -18.23 -28.11 7.55
C ILE D 246 -17.11 -29.02 7.12
N ALA D 247 -15.91 -28.73 7.61
CA ALA D 247 -14.72 -29.52 7.40
C ALA D 247 -14.89 -30.82 8.17
N GLU D 248 -14.39 -31.93 7.63
CA GLU D 248 -14.54 -33.22 8.29
C GLU D 248 -13.42 -33.53 9.28
N SER D 249 -12.27 -32.86 9.16
CA SER D 249 -11.11 -33.04 10.04
C SER D 249 -10.16 -31.88 9.87
N ASN D 250 -9.24 -31.70 10.83
CA ASN D 250 -8.20 -30.69 10.63
C ASN D 250 -7.30 -31.10 9.47
N ALA D 251 -7.02 -32.41 9.35
CA ALA D 251 -6.17 -32.93 8.26
C ALA D 251 -6.74 -32.60 6.89
N GLN D 252 -8.09 -32.55 6.74
CA GLN D 252 -8.69 -32.18 5.46
C GLN D 252 -8.27 -30.74 5.06
N LEU D 253 -8.27 -29.82 6.04
CA LEU D 253 -7.87 -28.44 5.78
C LEU D 253 -6.38 -28.33 5.44
N VAL D 254 -5.53 -29.08 6.17
CA VAL D 254 -4.08 -29.10 5.90
C VAL D 254 -3.82 -29.63 4.49
N ALA D 255 -4.46 -30.77 4.16
CA ALA D 255 -4.23 -31.41 2.86
C ALA D 255 -4.54 -30.48 1.69
N ARG D 256 -5.59 -29.64 1.80
CA ARG D 256 -5.87 -28.73 0.68
C ARG D 256 -4.70 -27.76 0.47
N LEU D 257 -4.15 -27.22 1.55
CA LEU D 257 -3.01 -26.30 1.45
C LEU D 257 -1.79 -27.01 0.86
N ALA D 258 -1.58 -28.28 1.27
CA ALA D 258 -0.47 -29.07 0.73
C ALA D 258 -0.66 -29.31 -0.76
N ARG D 259 -1.91 -29.54 -1.21
CA ARG D 259 -2.15 -29.77 -2.64
C ARG D 259 -1.89 -28.51 -3.44
N ILE D 260 -2.30 -27.34 -2.92
CA ILE D 260 -2.07 -26.07 -3.61
C ILE D 260 -0.57 -25.79 -3.68
N ALA D 261 0.15 -26.02 -2.57
CA ALA D 261 1.62 -25.83 -2.59
C ALA D 261 2.27 -26.73 -3.66
N LYS D 262 1.84 -28.00 -3.75
CA LYS D 262 2.39 -28.92 -4.76
C LYS D 262 2.06 -28.42 -6.18
N GLU D 263 0.81 -27.93 -6.40
CA GLU D 263 0.43 -27.38 -7.71
C GLU D 263 1.36 -26.26 -8.15
N ILE D 264 1.68 -25.32 -7.24
CA ILE D 264 2.47 -24.13 -7.62
C ILE D 264 4.00 -24.34 -7.48
N GLY D 265 4.40 -25.49 -6.97
CA GLY D 265 5.82 -25.82 -6.83
C GLY D 265 6.50 -25.23 -5.61
N ARG D 266 5.73 -24.93 -4.55
CA ARG D 266 6.31 -24.45 -3.29
C ARG D 266 6.52 -25.67 -2.39
N PRO D 267 7.77 -26.05 -2.09
CA PRO D 267 7.97 -27.25 -1.29
C PRO D 267 7.51 -27.09 0.14
N LEU D 268 7.01 -28.18 0.73
CA LEU D 268 6.69 -28.16 2.15
C LEU D 268 7.98 -28.36 2.92
N ALA D 269 8.15 -27.59 4.00
CA ALA D 269 9.33 -27.76 4.85
C ALA D 269 9.39 -29.16 5.43
N THR D 270 10.59 -29.72 5.47
CA THR D 270 10.78 -30.98 6.20
C THR D 270 10.75 -30.62 7.69
N PRO D 271 10.61 -31.58 8.63
CA PRO D 271 10.71 -31.22 10.06
C PRO D 271 12.05 -30.51 10.38
N GLU D 272 13.18 -30.93 9.75
CA GLU D 272 14.49 -30.29 9.96
C GLU D 272 14.47 -28.83 9.49
N GLN D 273 13.91 -28.58 8.28
CA GLN D 273 13.81 -27.23 7.74
C GLN D 273 12.90 -26.36 8.60
N ALA D 274 11.76 -26.89 9.08
CA ALA D 274 10.85 -26.12 9.94
C ALA D 274 11.57 -25.70 11.25
N ARG D 275 12.33 -26.63 11.86
CA ARG D 275 13.09 -26.30 13.08
C ARG D 275 14.19 -25.26 12.79
N GLU D 276 14.82 -25.30 11.61
CA GLU D 276 15.83 -24.31 11.23
C GLU D 276 15.19 -22.94 11.03
N ILE D 277 14.09 -22.87 10.26
CA ILE D 277 13.40 -21.59 9.97
C ILE D 277 12.93 -20.92 11.25
N LEU D 278 12.38 -21.72 12.16
CA LEU D 278 11.80 -21.25 13.42
C LEU D 278 12.87 -21.09 14.54
N ALA D 279 14.13 -21.43 14.22
CA ALA D 279 15.30 -21.32 15.11
C ALA D 279 15.07 -22.10 16.41
N LEU D 280 14.65 -23.36 16.29
CA LEU D 280 14.32 -24.24 17.42
C LEU D 280 15.51 -25.11 17.83
N ASN D 281 16.57 -25.15 17.04
CA ASN D 281 17.75 -25.97 17.36
C ASN D 281 18.58 -25.34 18.47
ZN ZN E . -0.80 -10.91 -27.27
ZN ZN F . 14.87 18.33 -16.87
C1 GOL G . 21.04 37.78 -31.95
O1 GOL G . 21.44 38.92 -31.14
C2 GOL G . 21.21 36.55 -31.11
O2 GOL G . 20.39 36.65 -29.96
C3 GOL G . 20.82 35.32 -31.92
O3 GOL G . 21.97 34.91 -32.69
ZN ZN H . -9.89 13.42 24.37
ZN ZN I . -4.43 -20.68 19.97
C1 GOL J . -14.16 -36.79 33.84
O1 GOL J . -15.56 -36.44 33.73
C2 GOL J . -14.02 -38.16 33.14
O2 GOL J . -14.42 -37.96 31.77
C3 GOL J . -15.02 -39.13 33.81
O3 GOL J . -15.09 -40.31 33.04
#